data_5C7S
#
_entry.id   5C7S
#
_cell.length_a   94.178
_cell.length_b   78.481
_cell.length_c   100.446
_cell.angle_alpha   90.00
_cell.angle_beta   109.90
_cell.angle_gamma   90.00
#
_symmetry.space_group_name_H-M   'C 1 2 1'
#
loop_
_entity.id
_entity.type
_entity.pdbx_description
1 polymer 'Anthranilate phosphoribosyltransferase'
2 non-polymer 'MANGANESE (II) ION'
3 non-polymer 1-O-pyrophosphono-5-O-phosphono-alpha-D-ribofuranose
4 water water
#
_entity_poly.entity_id   1
_entity_poly.type   'polypeptide(L)'
_entity_poly.pdbx_seq_one_letter_code
;MVALSAEGSSGGSRGGSPKAEAASVPSWPQILGRLTDNRDLARGQAAWAMDQIMTGNARPAQIAAFAVAMTMKAPTADEV
GELAGVMLSHAHPLPADTVPDDAVDVVGTGGDGVNTVNLSTMAAIVVAAAGVPVVKHGNRAASSLSGGADTLEALGVRID
LGPDLVARSLAEVGIGFCFAPRFHPSYRHAAAVRREIGVPTVFNLLGPLTNPARPRAGLIGCAFADLAEVMAGVFAARRS
SVLVVHGDDGLDELTTTTTSTIWRVAAGSVDKLTFDPAGFGFARAQLDQLAGGDAQANAAAVRAVLGGARGPVRDAVVLN
AAGAIVAHAGLSSRAEWLPAWEEGLRRASAAIDTGAAEQLLARWVRFGRQILEHHHHHH
;
_entity_poly.pdbx_strand_id   A,B
#
# COMPACT_ATOMS: atom_id res chain seq x y z
N VAL A 25 -0.59 -17.70 -14.69
CA VAL A 25 -0.52 -18.15 -13.31
C VAL A 25 -0.41 -16.94 -12.37
N PRO A 26 -1.09 -17.02 -11.21
CA PRO A 26 -1.12 -15.86 -10.30
C PRO A 26 0.19 -15.64 -9.53
N SER A 27 0.50 -14.37 -9.27
CA SER A 27 1.69 -14.00 -8.50
C SER A 27 1.48 -12.65 -7.85
N TRP A 28 2.34 -12.30 -6.91
CA TRP A 28 2.19 -11.04 -6.18
C TRP A 28 2.50 -9.83 -7.07
N PRO A 29 3.59 -9.87 -7.85
CA PRO A 29 3.84 -8.75 -8.77
C PRO A 29 2.66 -8.51 -9.72
N GLN A 30 2.01 -9.58 -10.14
CA GLN A 30 0.87 -9.48 -11.04
C GLN A 30 -0.33 -8.82 -10.37
N ILE A 31 -0.69 -9.30 -9.18
CA ILE A 31 -1.86 -8.79 -8.48
C ILE A 31 -1.62 -7.39 -7.91
N LEU A 32 -0.45 -7.18 -7.31
CA LEU A 32 -0.11 -5.87 -6.73
C LEU A 32 0.00 -4.82 -7.82
N GLY A 33 0.65 -5.18 -8.93
CA GLY A 33 0.76 -4.29 -10.08
C GLY A 33 -0.61 -3.89 -10.61
N ARG A 34 -1.52 -4.85 -10.64
CA ARG A 34 -2.88 -4.59 -11.13
C ARG A 34 -3.60 -3.61 -10.22
N LEU A 35 -3.47 -3.79 -8.90
CA LEU A 35 -4.12 -2.91 -7.94
C LEU A 35 -3.53 -1.51 -7.99
N THR A 36 -2.21 -1.40 -8.08
CA THR A 36 -1.58 -0.09 -8.11
C THR A 36 -1.90 0.66 -9.40
N ASP A 37 -2.27 -0.08 -10.44
CA ASP A 37 -2.72 0.53 -11.68
C ASP A 37 -4.21 0.89 -11.62
N ASN A 38 -4.79 0.75 -10.43
N ASN A 38 -4.79 0.79 -10.42
CA ASN A 38 -6.17 1.16 -10.16
CA ASN A 38 -6.17 1.15 -10.16
C ASN A 38 -7.17 0.32 -10.95
C ASN A 38 -7.17 0.32 -10.97
N ARG A 39 -6.86 -0.95 -11.15
CA ARG A 39 -7.73 -1.87 -11.87
C ARG A 39 -8.39 -2.85 -10.90
N ASP A 40 -9.62 -3.24 -11.18
CA ASP A 40 -10.25 -4.33 -10.45
C ASP A 40 -9.54 -5.63 -10.82
N LEU A 41 -9.49 -6.56 -9.87
CA LEU A 41 -8.84 -7.83 -10.11
C LEU A 41 -9.70 -8.75 -10.96
N ALA A 42 -9.06 -9.69 -11.65
CA ALA A 42 -9.78 -10.74 -12.35
C ALA A 42 -10.35 -11.71 -11.33
N ARG A 43 -11.38 -12.46 -11.73
N ARG A 43 -11.36 -12.47 -11.73
CA ARG A 43 -12.00 -13.46 -10.88
CA ARG A 43 -12.02 -13.42 -10.84
C ARG A 43 -10.97 -14.44 -10.34
C ARG A 43 -11.01 -14.46 -10.34
N GLY A 44 -10.99 -14.67 -9.03
CA GLY A 44 -10.09 -15.63 -8.41
C GLY A 44 -8.82 -15.04 -7.85
N GLN A 45 -8.41 -13.87 -8.33
CA GLN A 45 -7.13 -13.28 -7.92
C GLN A 45 -7.13 -12.87 -6.46
N ALA A 46 -8.20 -12.23 -6.00
CA ALA A 46 -8.32 -11.86 -4.59
C ALA A 46 -8.33 -13.12 -3.74
N ALA A 47 -9.02 -14.15 -4.23
CA ALA A 47 -9.09 -15.43 -3.52
C ALA A 47 -7.71 -16.06 -3.41
N TRP A 48 -6.95 -16.02 -4.50
CA TRP A 48 -5.59 -16.57 -4.51
C TRP A 48 -4.72 -15.84 -3.49
N ALA A 49 -4.82 -14.52 -3.48
CA ALA A 49 -4.05 -13.69 -2.57
C ALA A 49 -4.35 -14.08 -1.11
N MET A 50 -5.63 -14.06 -0.75
CA MET A 50 -6.02 -14.34 0.62
C MET A 50 -5.57 -15.73 1.06
N ASP A 51 -5.68 -16.70 0.16
CA ASP A 51 -5.28 -18.07 0.49
C ASP A 51 -3.78 -18.14 0.78
N GLN A 52 -2.99 -17.40 0.01
CA GLN A 52 -1.55 -17.30 0.26
C GLN A 52 -1.31 -16.74 1.65
N ILE A 53 -2.08 -15.70 2.01
CA ILE A 53 -1.94 -15.05 3.29
C ILE A 53 -2.32 -15.97 4.44
N MET A 54 -3.37 -16.77 4.24
CA MET A 54 -3.88 -17.64 5.29
C MET A 54 -3.02 -18.89 5.47
N THR A 55 -2.30 -19.30 4.44
CA THR A 55 -1.48 -20.51 4.50
C THR A 55 -0.03 -20.19 4.89
N GLY A 56 0.22 -18.97 5.35
CA GLY A 56 1.54 -18.57 5.81
C GLY A 56 2.59 -18.47 4.71
N ASN A 57 2.15 -18.38 3.46
CA ASN A 57 3.07 -18.33 2.33
C ASN A 57 3.26 -16.94 1.75
N ALA A 58 2.85 -15.92 2.51
CA ALA A 58 3.00 -14.54 2.09
C ALA A 58 3.89 -13.78 3.07
N ARG A 59 4.83 -13.02 2.54
CA ARG A 59 5.70 -12.17 3.36
C ARG A 59 4.87 -11.00 3.92
N PRO A 60 5.20 -10.54 5.14
CA PRO A 60 4.48 -9.39 5.70
C PRO A 60 4.39 -8.22 4.73
N ALA A 61 5.47 -7.94 4.02
CA ALA A 61 5.51 -6.83 3.07
C ALA A 61 4.48 -7.01 1.96
N GLN A 62 4.28 -8.26 1.55
CA GLN A 62 3.31 -8.58 0.51
C GLN A 62 1.89 -8.43 1.05
N ILE A 63 1.66 -8.93 2.26
CA ILE A 63 0.36 -8.80 2.91
C ILE A 63 -0.02 -7.33 3.04
N ALA A 64 0.91 -6.53 3.55
CA ALA A 64 0.65 -5.11 3.75
C ALA A 64 0.38 -4.42 2.42
N ALA A 65 1.22 -4.70 1.43
CA ALA A 65 1.09 -4.09 0.11
C ALA A 65 -0.27 -4.40 -0.48
N PHE A 66 -0.69 -5.66 -0.35
CA PHE A 66 -1.98 -6.08 -0.89
C PHE A 66 -3.13 -5.40 -0.16
N ALA A 67 -3.06 -5.38 1.17
CA ALA A 67 -4.10 -4.75 1.99
C ALA A 67 -4.28 -3.28 1.64
N VAL A 68 -3.15 -2.56 1.54
CA VAL A 68 -3.19 -1.14 1.24
C VAL A 68 -3.65 -0.90 -0.19
N ALA A 69 -3.09 -1.67 -1.13
CA ALA A 69 -3.36 -1.45 -2.54
C ALA A 69 -4.84 -1.61 -2.86
N MET A 70 -5.45 -2.67 -2.33
CA MET A 70 -6.86 -2.93 -2.52
C MET A 70 -7.73 -1.82 -1.94
N THR A 71 -7.34 -1.31 -0.78
CA THR A 71 -8.10 -0.27 -0.11
C THR A 71 -8.11 1.03 -0.91
N MET A 72 -6.96 1.43 -1.43
CA MET A 72 -6.87 2.70 -2.15
C MET A 72 -7.41 2.58 -3.57
N LYS A 73 -7.44 1.37 -4.10
CA LYS A 73 -8.07 1.12 -5.38
C LYS A 73 -9.60 1.24 -5.25
N ALA A 74 -10.10 0.97 -4.04
CA ALA A 74 -11.53 0.87 -3.70
C ALA A 74 -12.03 -0.55 -4.01
N PRO A 75 -12.14 -1.39 -2.96
CA PRO A 75 -12.54 -2.79 -3.16
C PRO A 75 -13.93 -2.93 -3.76
N THR A 76 -14.13 -3.98 -4.55
CA THR A 76 -15.46 -4.31 -5.06
C THR A 76 -16.09 -5.35 -4.14
N ALA A 77 -17.40 -5.53 -4.27
CA ALA A 77 -18.10 -6.55 -3.50
C ALA A 77 -17.57 -7.94 -3.84
N ASP A 78 -17.26 -8.17 -5.12
CA ASP A 78 -16.72 -9.44 -5.57
C ASP A 78 -15.39 -9.76 -4.90
N GLU A 79 -14.49 -8.78 -4.90
CA GLU A 79 -13.16 -8.94 -4.32
C GLU A 79 -13.22 -9.23 -2.83
N VAL A 80 -13.97 -8.41 -2.08
CA VAL A 80 -14.11 -8.61 -0.65
C VAL A 80 -14.80 -9.94 -0.38
N GLY A 81 -15.76 -10.28 -1.23
CA GLY A 81 -16.44 -11.56 -1.15
C GLY A 81 -15.46 -12.70 -1.26
N GLU A 82 -14.50 -12.57 -2.17
CA GLU A 82 -13.50 -13.63 -2.36
C GLU A 82 -12.61 -13.75 -1.13
N LEU A 83 -12.26 -12.62 -0.51
CA LEU A 83 -11.43 -12.62 0.68
C LEU A 83 -12.10 -13.38 1.83
N ALA A 84 -13.37 -13.05 2.07
CA ALA A 84 -14.11 -13.65 3.17
C ALA A 84 -14.38 -15.13 2.90
N GLY A 85 -14.60 -15.46 1.64
CA GLY A 85 -14.82 -16.84 1.24
C GLY A 85 -13.64 -17.72 1.61
N VAL A 86 -12.43 -17.22 1.35
CA VAL A 86 -11.22 -17.97 1.67
C VAL A 86 -11.11 -18.16 3.18
N MET A 87 -11.34 -17.10 3.93
CA MET A 87 -11.28 -17.17 5.39
C MET A 87 -12.24 -18.22 5.94
N LEU A 88 -13.44 -18.27 5.39
CA LEU A 88 -14.46 -19.20 5.88
C LEU A 88 -14.12 -20.64 5.49
N SER A 89 -13.41 -20.82 4.38
N SER A 89 -13.40 -20.83 4.39
CA SER A 89 -12.99 -22.14 3.95
CA SER A 89 -13.01 -22.15 3.95
C SER A 89 -11.93 -22.71 4.89
C SER A 89 -11.91 -22.71 4.88
N HIS A 90 -11.18 -21.81 5.52
CA HIS A 90 -10.10 -22.20 6.44
C HIS A 90 -10.54 -22.15 7.90
N ALA A 91 -11.72 -21.59 8.14
CA ALA A 91 -12.22 -21.39 9.49
C ALA A 91 -12.74 -22.69 10.12
N HIS A 92 -12.60 -22.79 11.43
CA HIS A 92 -13.17 -23.90 12.18
C HIS A 92 -14.69 -23.79 12.11
N PRO A 93 -15.37 -24.79 11.54
CA PRO A 93 -16.83 -24.70 11.46
C PRO A 93 -17.50 -25.19 12.75
N LEU A 94 -18.77 -24.87 12.92
CA LEU A 94 -19.56 -25.49 14.00
C LEU A 94 -20.13 -26.80 13.48
N PRO A 95 -20.37 -27.78 14.37
CA PRO A 95 -20.89 -29.08 13.94
C PRO A 95 -22.18 -28.97 13.15
N ALA A 96 -22.45 -29.95 12.30
CA ALA A 96 -23.64 -29.93 11.44
C ALA A 96 -24.93 -29.89 12.25
N ASP A 97 -25.88 -29.08 11.78
CA ASP A 97 -27.21 -29.01 12.39
C ASP A 97 -27.15 -28.60 13.87
N THR A 98 -26.30 -27.62 14.19
CA THR A 98 -26.22 -27.09 15.54
C THR A 98 -26.54 -25.60 15.59
N VAL A 99 -26.59 -24.96 14.43
CA VAL A 99 -26.91 -23.54 14.32
C VAL A 99 -28.28 -23.38 13.68
N PRO A 100 -29.25 -22.79 14.41
CA PRO A 100 -30.57 -22.60 13.80
C PRO A 100 -30.49 -21.78 12.52
N ASP A 101 -31.36 -22.09 11.56
CA ASP A 101 -31.31 -21.42 10.25
C ASP A 101 -31.64 -19.93 10.35
N ASP A 102 -32.25 -19.53 11.46
CA ASP A 102 -32.64 -18.13 11.68
C ASP A 102 -31.76 -17.45 12.72
N ALA A 103 -30.55 -17.96 12.91
CA ALA A 103 -29.60 -17.36 13.85
C ALA A 103 -29.13 -16.01 13.33
N VAL A 104 -28.89 -15.08 14.26
CA VAL A 104 -28.45 -13.73 13.90
C VAL A 104 -27.12 -13.38 14.54
N ASP A 105 -26.42 -12.43 13.92
CA ASP A 105 -25.17 -11.89 14.45
C ASP A 105 -25.37 -10.42 14.78
N VAL A 106 -24.60 -9.93 15.74
CA VAL A 106 -24.56 -8.51 16.07
C VAL A 106 -23.11 -8.13 16.34
N VAL A 107 -22.46 -7.52 15.36
CA VAL A 107 -21.03 -7.24 15.42
C VAL A 107 -20.64 -6.12 14.47
N GLY A 108 -19.58 -5.39 14.82
CA GLY A 108 -19.11 -4.29 14.00
C GLY A 108 -17.66 -4.42 13.61
N THR A 109 -17.24 -3.58 12.66
CA THR A 109 -15.86 -3.53 12.25
C THR A 109 -14.98 -2.95 13.36
N GLY A 110 -15.61 -2.16 14.23
CA GLY A 110 -14.87 -1.39 15.21
C GLY A 110 -14.12 -0.27 14.53
N GLY A 111 -13.30 0.45 15.29
CA GLY A 111 -12.43 1.47 14.73
C GLY A 111 -13.12 2.81 14.45
N ASP A 112 -14.19 3.10 15.19
CA ASP A 112 -14.82 4.41 15.05
C ASP A 112 -14.06 5.45 15.87
N GLY A 113 -13.22 4.98 16.79
CA GLY A 113 -12.34 5.85 17.55
C GLY A 113 -13.03 6.72 18.59
N VAL A 114 -14.13 6.22 19.14
CA VAL A 114 -14.94 6.99 20.09
C VAL A 114 -14.92 6.38 21.49
N ASN A 115 -14.61 5.08 21.59
CA ASN A 115 -14.62 4.38 22.87
C ASN A 115 -15.96 4.52 23.59
N THR A 116 -16.96 3.86 23.02
CA THR A 116 -18.31 3.86 23.58
C THR A 116 -18.51 2.62 24.44
N VAL A 117 -19.71 2.47 24.99
CA VAL A 117 -20.10 1.22 25.62
C VAL A 117 -20.24 0.17 24.54
N ASN A 118 -20.25 -1.10 24.92
CA ASN A 118 -20.31 -2.19 23.95
C ASN A 118 -21.75 -2.47 23.51
N LEU A 119 -22.21 -1.68 22.54
CA LEU A 119 -23.60 -1.72 22.11
C LEU A 119 -23.99 -3.02 21.44
N SER A 120 -23.10 -3.58 20.63
CA SER A 120 -23.39 -4.84 19.96
C SER A 120 -23.54 -5.98 20.95
N THR A 121 -22.61 -6.06 21.89
CA THR A 121 -22.62 -7.11 22.89
C THR A 121 -23.88 -7.01 23.76
N MET A 122 -24.25 -5.79 24.12
CA MET A 122 -25.43 -5.58 24.93
C MET A 122 -26.68 -5.90 24.11
N ALA A 123 -26.68 -5.47 22.85
CA ALA A 123 -27.80 -5.73 21.98
C ALA A 123 -27.98 -7.22 21.75
N ALA A 124 -26.87 -7.93 21.59
CA ALA A 124 -26.90 -9.37 21.32
C ALA A 124 -27.55 -10.15 22.46
N ILE A 125 -27.25 -9.76 23.69
CA ILE A 125 -27.81 -10.40 24.87
C ILE A 125 -29.32 -10.20 24.90
N VAL A 126 -29.75 -8.96 24.67
CA VAL A 126 -31.16 -8.61 24.66
C VAL A 126 -31.90 -9.37 23.55
N VAL A 127 -31.31 -9.44 22.37
CA VAL A 127 -31.91 -10.12 21.24
C VAL A 127 -32.09 -11.62 21.52
N ALA A 128 -31.12 -12.21 22.20
CA ALA A 128 -31.20 -13.62 22.58
C ALA A 128 -32.34 -13.84 23.57
N ALA A 129 -32.42 -12.97 24.56
CA ALA A 129 -33.47 -13.09 25.58
C ALA A 129 -34.85 -12.88 24.98
N ALA A 130 -34.90 -12.23 23.82
CA ALA A 130 -36.16 -11.99 23.12
C ALA A 130 -36.61 -13.22 22.34
N GLY A 131 -35.78 -14.27 22.36
CA GLY A 131 -36.11 -15.53 21.72
C GLY A 131 -35.47 -15.73 20.36
N VAL A 132 -34.65 -14.77 19.94
CA VAL A 132 -33.97 -14.87 18.64
C VAL A 132 -32.60 -15.53 18.84
N PRO A 133 -32.34 -16.64 18.13
CA PRO A 133 -31.04 -17.29 18.31
C PRO A 133 -29.88 -16.39 17.87
N VAL A 134 -28.90 -16.21 18.75
CA VAL A 134 -27.76 -15.34 18.49
C VAL A 134 -26.45 -16.13 18.54
N VAL A 135 -25.73 -16.17 17.43
CA VAL A 135 -24.37 -16.69 17.44
C VAL A 135 -23.44 -15.53 17.07
N LYS A 136 -22.85 -14.93 18.10
CA LYS A 136 -22.13 -13.68 17.93
C LYS A 136 -20.66 -13.92 17.60
N HIS A 137 -20.21 -13.29 16.53
CA HIS A 137 -18.80 -13.21 16.21
C HIS A 137 -18.21 -12.05 16.99
N GLY A 138 -16.98 -12.18 17.44
CA GLY A 138 -16.37 -11.13 18.22
C GLY A 138 -14.87 -11.23 18.32
N ASN A 139 -14.28 -10.24 18.98
CA ASN A 139 -12.85 -10.14 19.12
C ASN A 139 -12.50 -9.10 20.16
N ARG A 140 -11.25 -9.11 20.60
CA ARG A 140 -10.80 -8.13 21.59
C ARG A 140 -10.71 -6.75 20.94
N ALA A 141 -10.43 -5.73 21.76
CA ALA A 141 -10.29 -4.38 21.24
C ALA A 141 -9.05 -4.29 20.36
N ALA A 142 -9.05 -3.30 19.46
CA ALA A 142 -7.89 -3.00 18.63
C ALA A 142 -7.45 -1.57 18.88
N SER A 143 -8.42 -0.65 18.83
CA SER A 143 -8.16 0.77 19.04
C SER A 143 -8.92 1.29 20.27
N SER A 144 -9.89 0.51 20.74
CA SER A 144 -10.71 0.89 21.89
C SER A 144 -10.12 0.38 23.21
N LEU A 145 -10.70 0.84 24.31
CA LEU A 145 -10.27 0.40 25.63
C LEU A 145 -10.70 -1.03 25.89
N SER A 146 -11.97 -1.32 25.61
N SER A 146 -11.98 -1.32 25.60
CA SER A 146 -12.52 -2.65 25.81
CA SER A 146 -12.53 -2.65 25.81
C SER A 146 -13.50 -3.02 24.70
C SER A 146 -13.49 -3.02 24.69
N GLY A 147 -13.18 -4.10 23.99
CA GLY A 147 -14.04 -4.62 22.95
C GLY A 147 -15.10 -5.53 23.55
N GLY A 148 -15.90 -6.15 22.69
CA GLY A 148 -16.93 -7.06 23.13
C GLY A 148 -16.36 -8.22 23.93
N ALA A 149 -15.36 -8.89 23.36
CA ALA A 149 -14.75 -10.05 24.00
C ALA A 149 -14.20 -9.69 25.38
N ASP A 150 -13.54 -8.54 25.47
CA ASP A 150 -12.97 -8.06 26.72
C ASP A 150 -14.05 -7.87 27.79
N THR A 151 -15.13 -7.21 27.40
CA THR A 151 -16.23 -6.94 28.32
C THR A 151 -16.94 -8.22 28.74
N LEU A 152 -17.19 -9.11 27.78
CA LEU A 152 -17.82 -10.39 28.07
C LEU A 152 -16.96 -11.18 29.06
N GLU A 153 -15.65 -11.15 28.84
CA GLU A 153 -14.70 -11.82 29.71
C GLU A 153 -14.79 -11.28 31.13
N ALA A 154 -14.98 -9.96 31.24
CA ALA A 154 -15.06 -9.31 32.54
C ALA A 154 -16.39 -9.60 33.24
N LEU A 155 -17.36 -10.09 32.48
CA LEU A 155 -18.67 -10.43 33.02
C LEU A 155 -18.69 -11.86 33.54
N GLY A 156 -17.71 -12.65 33.14
CA GLY A 156 -17.63 -14.06 33.53
C GLY A 156 -17.98 -14.97 32.37
N VAL A 157 -18.40 -14.38 31.26
CA VAL A 157 -18.72 -15.14 30.05
C VAL A 157 -17.43 -15.72 29.46
N ARG A 158 -17.50 -16.97 29.01
CA ARG A 158 -16.35 -17.62 28.42
C ARG A 158 -16.21 -17.28 26.95
N ILE A 159 -15.03 -16.78 26.58
CA ILE A 159 -14.76 -16.36 25.21
C ILE A 159 -13.69 -17.24 24.57
N ASP A 160 -13.57 -18.47 25.05
CA ASP A 160 -12.51 -19.38 24.60
C ASP A 160 -13.06 -20.73 24.16
N LEU A 161 -14.38 -20.83 24.06
CA LEU A 161 -15.02 -22.09 23.69
C LEU A 161 -14.76 -22.45 22.25
N GLY A 162 -14.67 -23.75 21.99
CA GLY A 162 -14.50 -24.26 20.63
C GLY A 162 -15.85 -24.49 19.99
N PRO A 163 -15.86 -25.02 18.76
CA PRO A 163 -17.08 -25.23 17.98
C PRO A 163 -18.16 -26.01 18.73
N ASP A 164 -17.77 -27.09 19.40
CA ASP A 164 -18.71 -27.95 20.10
C ASP A 164 -19.36 -27.22 21.28
N LEU A 165 -18.56 -26.54 22.08
CA LEU A 165 -19.08 -25.87 23.27
C LEU A 165 -19.90 -24.63 22.91
N VAL A 166 -19.54 -23.96 21.82
CA VAL A 166 -20.33 -22.84 21.34
C VAL A 166 -21.71 -23.34 20.92
N ALA A 167 -21.74 -24.52 20.29
CA ALA A 167 -22.99 -25.13 19.85
C ALA A 167 -23.87 -25.45 21.07
N ARG A 168 -23.25 -25.95 22.13
CA ARG A 168 -23.98 -26.25 23.36
C ARG A 168 -24.52 -24.97 24.00
N SER A 169 -23.71 -23.91 23.94
CA SER A 169 -24.10 -22.62 24.50
C SER A 169 -25.34 -22.09 23.79
N LEU A 170 -25.36 -22.23 22.46
CA LEU A 170 -26.49 -21.83 21.65
C LEU A 170 -27.75 -22.58 22.05
N ALA A 171 -27.62 -23.90 22.17
CA ALA A 171 -28.75 -24.76 22.46
C ALA A 171 -29.31 -24.52 23.87
N GLU A 172 -28.42 -24.37 24.84
CA GLU A 172 -28.81 -24.34 26.24
C GLU A 172 -29.08 -22.94 26.77
N VAL A 173 -28.36 -21.95 26.25
CA VAL A 173 -28.47 -20.56 26.73
C VAL A 173 -29.25 -19.70 25.76
N GLY A 174 -29.18 -20.03 24.47
CA GLY A 174 -29.82 -19.24 23.43
C GLY A 174 -28.86 -18.27 22.78
N ILE A 175 -27.60 -18.30 23.23
CA ILE A 175 -26.56 -17.45 22.65
C ILE A 175 -25.19 -18.11 22.71
N GLY A 176 -24.42 -17.95 21.64
CA GLY A 176 -23.06 -18.45 21.57
C GLY A 176 -22.12 -17.36 21.10
N PHE A 177 -20.87 -17.43 21.55
CA PHE A 177 -19.86 -16.43 21.17
C PHE A 177 -18.66 -17.08 20.52
N CYS A 178 -18.43 -16.75 19.25
CA CYS A 178 -17.27 -17.22 18.52
C CYS A 178 -16.16 -16.18 18.59
N PHE A 179 -15.12 -16.48 19.35
CA PHE A 179 -13.94 -15.63 19.43
C PHE A 179 -13.10 -15.81 18.17
N ALA A 180 -13.00 -14.75 17.38
CA ALA A 180 -12.44 -14.84 16.02
C ALA A 180 -11.08 -15.53 15.95
N PRO A 181 -10.16 -15.19 16.86
CA PRO A 181 -8.85 -15.86 16.81
C PRO A 181 -8.91 -17.37 17.09
N ARG A 182 -9.91 -17.80 17.86
CA ARG A 182 -10.08 -19.21 18.18
C ARG A 182 -10.55 -19.99 16.96
N PHE A 183 -11.39 -19.34 16.14
CA PHE A 183 -11.97 -19.97 14.97
C PHE A 183 -11.22 -19.64 13.67
N HIS A 184 -10.32 -18.65 13.73
CA HIS A 184 -9.54 -18.24 12.56
C HIS A 184 -8.04 -18.22 12.85
N PRO A 185 -7.48 -19.38 13.23
CA PRO A 185 -6.06 -19.44 13.59
C PRO A 185 -5.13 -19.06 12.44
N SER A 186 -5.53 -19.39 11.22
CA SER A 186 -4.71 -19.13 10.04
C SER A 186 -4.65 -17.65 9.67
N TYR A 187 -5.50 -16.84 10.31
CA TYR A 187 -5.58 -15.42 10.01
C TYR A 187 -4.51 -14.63 10.78
N ARG A 188 -3.74 -15.33 11.61
CA ARG A 188 -2.81 -14.67 12.53
C ARG A 188 -1.74 -13.83 11.82
N HIS A 189 -1.35 -14.23 10.62
CA HIS A 189 -0.34 -13.48 9.87
C HIS A 189 -0.92 -12.17 9.38
N ALA A 190 -2.16 -12.20 8.92
CA ALA A 190 -2.85 -11.01 8.48
C ALA A 190 -3.12 -10.07 9.65
N ALA A 191 -3.56 -10.64 10.77
CA ALA A 191 -3.87 -9.84 11.95
C ALA A 191 -2.63 -9.11 12.46
N ALA A 192 -1.48 -9.74 12.33
CA ALA A 192 -0.22 -9.14 12.78
C ALA A 192 0.13 -7.92 11.93
N VAL A 193 -0.07 -8.03 10.62
CA VAL A 193 0.24 -6.95 9.71
C VAL A 193 -0.73 -5.78 9.91
N ARG A 194 -2.00 -6.10 10.19
CA ARG A 194 -2.98 -5.08 10.52
C ARG A 194 -2.50 -4.27 11.72
N ARG A 195 -2.00 -4.97 12.73
CA ARG A 195 -1.52 -4.34 13.95
C ARG A 195 -0.32 -3.43 13.68
N GLU A 196 0.55 -3.86 12.76
CA GLU A 196 1.79 -3.15 12.48
C GLU A 196 1.59 -1.85 11.71
N ILE A 197 0.75 -1.88 10.68
CA ILE A 197 0.56 -0.69 9.84
C ILE A 197 -0.44 0.27 10.47
N GLY A 198 -1.36 -0.27 11.28
CA GLY A 198 -2.27 0.56 12.05
C GLY A 198 -3.41 1.19 11.27
N VAL A 199 -3.13 1.63 10.04
CA VAL A 199 -4.16 2.24 9.21
C VAL A 199 -5.25 1.22 8.87
N PRO A 200 -6.52 1.65 8.88
CA PRO A 200 -7.57 0.70 8.48
C PRO A 200 -7.48 0.33 7.00
N THR A 201 -7.72 -0.94 6.71
CA THR A 201 -7.76 -1.43 5.33
C THR A 201 -8.96 -2.34 5.13
N VAL A 202 -9.01 -2.98 3.96
CA VAL A 202 -10.10 -3.90 3.63
C VAL A 202 -10.18 -5.05 4.64
N PHE A 203 -9.06 -5.34 5.29
CA PHE A 203 -9.02 -6.38 6.32
C PHE A 203 -9.96 -6.07 7.48
N ASN A 204 -10.12 -4.79 7.78
CA ASN A 204 -10.99 -4.36 8.89
C ASN A 204 -12.45 -4.73 8.64
N LEU A 205 -12.80 -5.06 7.40
CA LEU A 205 -14.16 -5.43 7.04
C LEU A 205 -14.42 -6.93 7.24
N LEU A 206 -13.37 -7.72 7.31
CA LEU A 206 -13.49 -9.17 7.18
C LEU A 206 -14.04 -9.86 8.42
N GLY A 207 -13.79 -9.27 9.59
CA GLY A 207 -14.27 -9.85 10.84
C GLY A 207 -15.76 -10.10 10.81
N PRO A 208 -16.56 -9.02 10.65
CA PRO A 208 -18.01 -9.13 10.55
C PRO A 208 -18.50 -10.01 9.40
N LEU A 209 -17.64 -10.24 8.41
CA LEU A 209 -18.02 -10.99 7.22
C LEU A 209 -17.63 -12.46 7.29
N THR A 210 -17.02 -12.87 8.39
CA THR A 210 -16.52 -14.24 8.51
C THR A 210 -16.87 -14.89 9.84
N ASN A 211 -18.11 -14.71 10.27
CA ASN A 211 -18.65 -15.47 11.39
C ASN A 211 -18.58 -16.96 11.03
N PRO A 212 -17.85 -17.77 11.83
CA PRO A 212 -17.65 -19.17 11.42
C PRO A 212 -18.96 -19.97 11.38
N ALA A 213 -19.94 -19.53 12.16
CA ALA A 213 -21.24 -20.20 12.23
C ALA A 213 -22.10 -19.86 11.02
N ARG A 214 -21.70 -18.82 10.29
CA ARG A 214 -22.39 -18.41 9.07
C ARG A 214 -23.89 -18.15 9.26
N PRO A 215 -24.25 -17.32 10.24
CA PRO A 215 -25.67 -16.94 10.36
C PRO A 215 -26.10 -16.15 9.14
N ARG A 216 -27.36 -16.32 8.72
CA ARG A 216 -27.83 -15.69 7.49
C ARG A 216 -28.40 -14.30 7.73
N ALA A 217 -28.39 -13.86 8.98
CA ALA A 217 -28.91 -12.54 9.34
C ALA A 217 -28.03 -11.87 10.37
N GLY A 218 -28.13 -10.55 10.47
CA GLY A 218 -27.42 -9.81 11.49
C GLY A 218 -27.52 -8.30 11.36
N LEU A 219 -27.15 -7.62 12.45
CA LEU A 219 -26.95 -6.18 12.44
C LEU A 219 -25.45 -5.92 12.41
N ILE A 220 -24.95 -5.44 11.28
CA ILE A 220 -23.52 -5.33 11.06
C ILE A 220 -23.07 -3.88 11.03
N GLY A 221 -22.18 -3.51 11.95
CA GLY A 221 -21.69 -2.16 12.05
C GLY A 221 -20.45 -1.92 11.19
N CYS A 222 -20.39 -0.75 10.56
CA CYS A 222 -19.25 -0.38 9.74
C CYS A 222 -18.86 1.07 10.02
N ALA A 223 -17.64 1.24 10.52
CA ALA A 223 -17.14 2.56 10.91
C ALA A 223 -16.79 3.41 9.70
N PHE A 224 -16.57 2.76 8.56
CA PHE A 224 -16.09 3.42 7.35
C PHE A 224 -17.21 3.59 6.33
N ALA A 225 -17.72 4.81 6.23
CA ALA A 225 -18.90 5.12 5.42
C ALA A 225 -18.71 4.74 3.96
N ASP A 226 -17.47 4.75 3.51
CA ASP A 226 -17.15 4.49 2.10
C ASP A 226 -17.10 3.00 1.77
N LEU A 227 -17.04 2.16 2.78
CA LEU A 227 -16.89 0.72 2.60
C LEU A 227 -18.13 -0.06 3.05
N ALA A 228 -19.11 0.65 3.60
CA ALA A 228 -20.31 0.01 4.10
C ALA A 228 -21.13 -0.63 2.98
N GLU A 229 -21.21 0.06 1.84
CA GLU A 229 -21.96 -0.45 0.71
C GLU A 229 -21.35 -1.74 0.18
N VAL A 230 -20.02 -1.81 0.18
CA VAL A 230 -19.31 -3.00 -0.27
C VAL A 230 -19.62 -4.18 0.65
N MET A 231 -19.61 -3.93 1.96
CA MET A 231 -19.95 -4.97 2.92
C MET A 231 -21.36 -5.50 2.65
N ALA A 232 -22.28 -4.56 2.42
CA ALA A 232 -23.66 -4.91 2.12
C ALA A 232 -23.74 -5.73 0.84
N GLY A 233 -22.89 -5.41 -0.13
CA GLY A 233 -22.84 -6.14 -1.37
C GLY A 233 -22.44 -7.59 -1.17
N VAL A 234 -21.49 -7.80 -0.27
CA VAL A 234 -21.02 -9.15 0.04
C VAL A 234 -22.11 -9.97 0.70
N PHE A 235 -22.79 -9.38 1.69
CA PHE A 235 -23.90 -10.05 2.36
C PHE A 235 -25.01 -10.37 1.38
N ALA A 236 -25.24 -9.46 0.44
CA ALA A 236 -26.29 -9.62 -0.56
C ALA A 236 -26.03 -10.83 -1.45
N ALA A 237 -24.77 -11.03 -1.81
CA ALA A 237 -24.39 -12.16 -2.67
C ALA A 237 -24.73 -13.48 -2.00
N ARG A 238 -24.69 -13.50 -0.67
CA ARG A 238 -24.99 -14.70 0.11
C ARG A 238 -26.48 -14.89 0.37
N ARG A 239 -27.31 -13.96 -0.13
CA ARG A 239 -28.74 -13.97 0.15
C ARG A 239 -29.01 -13.84 1.66
N SER A 240 -28.16 -13.08 2.34
CA SER A 240 -28.33 -12.84 3.76
C SER A 240 -29.31 -11.71 4.00
N SER A 241 -29.93 -11.69 5.18
CA SER A 241 -30.81 -10.61 5.59
C SER A 241 -30.10 -9.73 6.62
N VAL A 242 -29.51 -8.64 6.14
CA VAL A 242 -28.61 -7.84 6.98
C VAL A 242 -28.91 -6.35 6.88
N LEU A 243 -28.77 -5.66 8.00
CA LEU A 243 -28.72 -4.20 8.03
C LEU A 243 -27.29 -3.80 8.33
N VAL A 244 -26.60 -3.25 7.34
CA VAL A 244 -25.26 -2.72 7.56
C VAL A 244 -25.41 -1.26 8.00
N VAL A 245 -24.99 -0.97 9.22
CA VAL A 245 -25.24 0.34 9.81
C VAL A 245 -23.98 1.18 10.02
N HIS A 246 -24.09 2.45 9.70
CA HIS A 246 -23.05 3.43 9.98
C HIS A 246 -23.70 4.69 10.53
N GLY A 247 -23.44 4.98 11.81
CA GLY A 247 -23.95 6.19 12.42
C GLY A 247 -23.34 7.39 11.73
N ASP A 248 -24.17 8.39 11.45
CA ASP A 248 -23.71 9.57 10.72
C ASP A 248 -22.81 10.46 11.58
N ASP A 249 -22.56 10.03 12.81
CA ASP A 249 -21.58 10.67 13.70
C ASP A 249 -20.26 9.90 13.69
N GLY A 250 -20.26 8.73 13.05
CA GLY A 250 -19.04 7.96 12.86
C GLY A 250 -19.03 6.61 13.55
N LEU A 251 -20.03 6.34 14.39
CA LEU A 251 -20.11 5.07 15.09
C LEU A 251 -20.39 3.91 14.14
N ASP A 252 -19.77 2.76 14.39
CA ASP A 252 -20.14 1.54 13.68
C ASP A 252 -21.34 0.90 14.40
N GLU A 253 -22.31 1.73 14.70
CA GLU A 253 -23.49 1.33 15.47
C GLU A 253 -24.67 2.15 15.00
N LEU A 254 -25.86 1.70 15.32
CA LEU A 254 -27.04 2.53 15.19
C LEU A 254 -26.97 3.55 16.32
N THR A 255 -26.70 4.81 15.98
CA THR A 255 -26.48 5.83 16.99
C THR A 255 -27.78 6.51 17.43
N THR A 256 -27.69 7.25 18.54
CA THR A 256 -28.79 8.03 19.07
C THR A 256 -28.46 9.52 19.11
N THR A 257 -27.24 9.87 18.69
CA THR A 257 -26.80 11.26 18.69
C THR A 257 -27.24 12.00 17.43
N THR A 258 -27.67 11.23 16.43
CA THR A 258 -28.08 11.80 15.16
C THR A 258 -28.63 10.67 14.29
N THR A 259 -28.75 10.90 12.98
CA THR A 259 -29.24 9.88 12.07
C THR A 259 -28.21 8.79 11.84
N SER A 260 -28.65 7.68 11.26
CA SER A 260 -27.76 6.60 10.87
C SER A 260 -28.04 6.22 9.43
N THR A 261 -26.98 5.85 8.69
CA THR A 261 -27.14 5.33 7.35
C THR A 261 -27.22 3.80 7.42
N ILE A 262 -28.30 3.25 6.89
CA ILE A 262 -28.51 1.82 6.88
C ILE A 262 -28.59 1.30 5.45
N TRP A 263 -27.72 0.34 5.14
CA TRP A 263 -27.79 -0.39 3.88
C TRP A 263 -28.57 -1.68 4.13
N ARG A 264 -29.84 -1.67 3.74
CA ARG A 264 -30.71 -2.83 3.96
C ARG A 264 -30.49 -3.88 2.89
N VAL A 265 -30.07 -5.07 3.32
CA VAL A 265 -29.83 -6.19 2.42
C VAL A 265 -30.97 -7.20 2.53
N ALA A 266 -31.74 -7.32 1.45
CA ALA A 266 -32.87 -8.24 1.40
C ALA A 266 -33.12 -8.73 -0.02
N ALA A 267 -33.30 -10.04 -0.16
CA ALA A 267 -33.54 -10.66 -1.47
C ALA A 267 -32.43 -10.29 -2.45
N GLY A 268 -31.19 -10.43 -2.01
CA GLY A 268 -30.03 -10.27 -2.87
C GLY A 268 -29.85 -8.87 -3.44
N SER A 269 -30.49 -7.88 -2.84
CA SER A 269 -30.37 -6.49 -3.28
C SER A 269 -30.13 -5.56 -2.10
N VAL A 270 -29.34 -4.52 -2.34
CA VAL A 270 -29.01 -3.54 -1.33
C VAL A 270 -29.85 -2.28 -1.53
N ASP A 271 -30.38 -1.77 -0.43
CA ASP A 271 -31.22 -0.58 -0.43
C ASP A 271 -30.68 0.41 0.60
N LYS A 272 -30.25 1.59 0.15
CA LYS A 272 -29.69 2.59 1.06
C LYS A 272 -30.78 3.43 1.71
N LEU A 273 -30.73 3.51 3.05
CA LEU A 273 -31.70 4.26 3.82
C LEU A 273 -31.02 5.11 4.88
N THR A 274 -31.70 6.16 5.30
CA THR A 274 -31.27 6.94 6.45
C THR A 274 -32.27 6.71 7.57
N PHE A 275 -31.77 6.44 8.77
CA PHE A 275 -32.61 6.13 9.91
C PHE A 275 -32.53 7.23 10.97
N ASP A 276 -33.69 7.68 11.43
CA ASP A 276 -33.79 8.68 12.49
C ASP A 276 -34.55 8.13 13.70
N PRO A 277 -33.85 7.94 14.82
CA PRO A 277 -34.50 7.43 16.05
C PRO A 277 -35.64 8.31 16.53
N ALA A 278 -35.59 9.60 16.21
CA ALA A 278 -36.63 10.53 16.64
C ALA A 278 -38.00 10.11 16.08
N GLY A 279 -37.98 9.39 14.97
CA GLY A 279 -39.21 8.90 14.35
C GLY A 279 -39.84 7.77 15.13
N PHE A 280 -39.14 7.29 16.15
CA PHE A 280 -39.66 6.24 17.03
C PHE A 280 -39.64 6.70 18.49
N GLY A 281 -39.60 8.01 18.68
CA GLY A 281 -39.79 8.62 19.99
C GLY A 281 -38.52 8.82 20.79
N PHE A 282 -37.36 8.53 20.19
CA PHE A 282 -36.10 8.63 20.91
C PHE A 282 -35.52 10.04 20.85
N ALA A 283 -35.13 10.55 22.01
CA ALA A 283 -34.50 11.87 22.10
C ALA A 283 -33.05 11.80 21.67
N ARG A 284 -32.55 12.92 21.15
CA ARG A 284 -31.14 13.02 20.79
C ARG A 284 -30.27 12.90 22.05
N ALA A 285 -29.14 12.23 21.91
CA ALA A 285 -28.18 12.10 22.99
C ALA A 285 -26.84 12.69 22.58
N GLN A 286 -25.99 12.99 23.55
CA GLN A 286 -24.63 13.46 23.29
C GLN A 286 -23.70 12.26 23.28
N LEU A 287 -22.55 12.40 22.62
CA LEU A 287 -21.64 11.28 22.44
C LEU A 287 -21.03 10.85 23.78
N ASP A 288 -20.83 11.81 24.68
CA ASP A 288 -20.22 11.53 25.97
C ASP A 288 -21.17 10.71 26.85
N GLN A 289 -22.45 10.73 26.53
CA GLN A 289 -23.43 9.95 27.26
C GLN A 289 -23.33 8.46 26.92
N LEU A 290 -22.69 8.15 25.81
CA LEU A 290 -22.50 6.77 25.38
C LEU A 290 -21.06 6.30 25.63
N ALA A 291 -20.25 7.18 26.20
CA ALA A 291 -18.83 6.90 26.41
C ALA A 291 -18.62 5.72 27.35
N GLY A 292 -17.52 5.00 27.13
CA GLY A 292 -17.17 3.85 27.93
C GLY A 292 -15.80 3.99 28.56
N GLY A 293 -15.30 2.89 29.10
CA GLY A 293 -14.01 2.85 29.74
C GLY A 293 -13.34 1.50 29.58
N ASP A 294 -12.72 1.01 30.64
CA ASP A 294 -12.08 -0.30 30.62
C ASP A 294 -13.11 -1.41 30.65
N ALA A 295 -12.64 -2.65 30.67
CA ALA A 295 -13.53 -3.80 30.65
C ALA A 295 -14.44 -3.80 31.86
N GLN A 296 -13.90 -3.46 33.02
CA GLN A 296 -14.68 -3.43 34.25
C GLN A 296 -15.73 -2.34 34.23
N ALA A 297 -15.39 -1.18 33.71
CA ALA A 297 -16.33 -0.08 33.58
C ALA A 297 -17.47 -0.48 32.64
N ASN A 298 -17.12 -1.10 31.52
CA ASN A 298 -18.10 -1.48 30.52
C ASN A 298 -18.97 -2.65 30.98
N ALA A 299 -18.38 -3.57 31.73
CA ALA A 299 -19.13 -4.67 32.32
C ALA A 299 -20.23 -4.12 33.22
N ALA A 300 -19.86 -3.19 34.10
CA ALA A 300 -20.81 -2.54 34.98
C ALA A 300 -21.90 -1.84 34.18
N ALA A 301 -21.55 -1.28 33.03
CA ALA A 301 -22.51 -0.61 32.17
C ALA A 301 -23.51 -1.60 31.57
N VAL A 302 -23.05 -2.82 31.30
CA VAL A 302 -23.95 -3.86 30.80
C VAL A 302 -24.97 -4.20 31.89
N ARG A 303 -24.48 -4.44 33.10
CA ARG A 303 -25.35 -4.81 34.23
C ARG A 303 -26.40 -3.74 34.49
N ALA A 304 -26.02 -2.47 34.37
CA ALA A 304 -26.94 -1.36 34.60
C ALA A 304 -28.10 -1.41 33.60
N VAL A 305 -27.77 -1.56 32.31
CA VAL A 305 -28.79 -1.59 31.26
C VAL A 305 -29.74 -2.76 31.48
N LEU A 306 -29.18 -3.95 31.67
CA LEU A 306 -29.99 -5.15 31.86
C LEU A 306 -30.76 -5.08 33.18
N GLY A 307 -30.29 -4.23 34.09
CA GLY A 307 -30.92 -4.08 35.39
C GLY A 307 -32.17 -3.21 35.36
N GLY A 308 -32.40 -2.53 34.23
CA GLY A 308 -33.59 -1.71 34.06
C GLY A 308 -33.33 -0.22 34.09
N ALA A 309 -32.08 0.17 34.30
CA ALA A 309 -31.71 1.59 34.33
C ALA A 309 -32.06 2.29 33.03
N ARG A 310 -32.83 3.37 33.13
CA ARG A 310 -33.21 4.17 31.98
C ARG A 310 -32.11 5.16 31.63
N GLY A 311 -32.14 5.68 30.41
CA GLY A 311 -31.16 6.67 29.97
C GLY A 311 -30.70 6.44 28.55
N PRO A 312 -29.72 7.26 28.12
CA PRO A 312 -29.18 7.22 26.75
C PRO A 312 -28.66 5.83 26.35
N VAL A 313 -27.98 5.14 27.26
CA VAL A 313 -27.38 3.85 26.93
C VAL A 313 -28.46 2.82 26.64
N ARG A 314 -29.50 2.79 27.47
CA ARG A 314 -30.61 1.86 27.27
C ARG A 314 -31.22 2.06 25.90
N ASP A 315 -31.51 3.32 25.57
CA ASP A 315 -32.10 3.66 24.28
C ASP A 315 -31.25 3.11 23.13
N ALA A 316 -29.93 3.26 23.25
CA ALA A 316 -29.00 2.81 22.22
C ALA A 316 -29.03 1.29 22.08
N VAL A 317 -29.08 0.60 23.21
CA VAL A 317 -29.15 -0.87 23.21
C VAL A 317 -30.46 -1.35 22.62
N VAL A 318 -31.57 -0.73 23.03
CA VAL A 318 -32.89 -1.12 22.54
C VAL A 318 -32.98 -0.93 21.03
N LEU A 319 -32.47 0.20 20.54
CA LEU A 319 -32.50 0.51 19.11
C LEU A 319 -31.70 -0.50 18.30
N ASN A 320 -30.49 -0.80 18.76
CA ASN A 320 -29.63 -1.74 18.07
C ASN A 320 -30.18 -3.15 18.14
N ALA A 321 -30.69 -3.54 19.31
CA ALA A 321 -31.31 -4.84 19.47
C ALA A 321 -32.50 -4.98 18.51
N ALA A 322 -33.27 -3.89 18.39
CA ALA A 322 -34.43 -3.88 17.50
C ALA A 322 -33.99 -4.04 16.06
N GLY A 323 -32.87 -3.44 15.70
CA GLY A 323 -32.33 -3.54 14.35
C GLY A 323 -32.01 -4.98 14.00
N ALA A 324 -31.40 -5.69 14.94
CA ALA A 324 -31.06 -7.09 14.75
C ALA A 324 -32.32 -7.92 14.58
N ILE A 325 -33.37 -7.56 15.30
CA ILE A 325 -34.65 -8.24 15.21
C ILE A 325 -35.31 -7.95 13.87
N VAL A 326 -35.16 -6.73 13.38
CA VAL A 326 -35.65 -6.38 12.05
C VAL A 326 -34.94 -7.22 10.98
N ALA A 327 -33.63 -7.38 11.15
CA ALA A 327 -32.84 -8.18 10.22
C ALA A 327 -33.29 -9.63 10.24
N HIS A 328 -33.58 -10.13 11.44
CA HIS A 328 -34.08 -11.48 11.62
C HIS A 328 -35.39 -11.71 10.84
N ALA A 329 -36.30 -10.76 10.94
CA ALA A 329 -37.62 -10.86 10.31
C ALA A 329 -37.51 -10.82 8.80
N GLY A 330 -36.42 -10.24 8.30
CA GLY A 330 -36.22 -10.12 6.86
C GLY A 330 -35.87 -11.45 6.22
N LEU A 331 -35.67 -12.48 7.04
CA LEU A 331 -35.40 -13.82 6.53
C LEU A 331 -36.67 -14.47 6.00
N SER A 332 -37.70 -14.48 6.85
CA SER A 332 -38.94 -15.20 6.57
C SER A 332 -39.99 -14.34 5.88
N SER A 333 -39.65 -13.08 5.61
CA SER A 333 -40.55 -12.18 4.91
C SER A 333 -39.84 -10.87 4.55
N GLU A 336 -43.96 -4.66 7.30
CA GLU A 336 -42.76 -4.31 6.57
C GLU A 336 -41.83 -3.46 7.45
N TRP A 337 -41.22 -2.42 6.90
CA TRP A 337 -40.16 -1.68 7.58
C TRP A 337 -40.62 -1.03 8.89
N LEU A 338 -41.73 -0.29 8.85
CA LEU A 338 -42.20 0.39 10.06
C LEU A 338 -42.79 -0.58 11.07
N PRO A 339 -43.66 -1.52 10.63
CA PRO A 339 -44.16 -2.50 11.59
C PRO A 339 -43.07 -3.37 12.21
N ALA A 340 -42.03 -3.69 11.44
CA ALA A 340 -40.95 -4.54 11.92
C ALA A 340 -40.16 -3.85 13.02
N TRP A 341 -39.86 -2.57 12.81
CA TRP A 341 -39.14 -1.79 13.80
C TRP A 341 -39.96 -1.59 15.07
N GLU A 342 -41.24 -1.31 14.89
CA GLU A 342 -42.14 -1.13 16.03
C GLU A 342 -42.22 -2.40 16.86
N GLU A 343 -42.29 -3.55 16.20
CA GLU A 343 -42.33 -4.83 16.90
C GLU A 343 -40.96 -5.15 17.48
N GLY A 344 -39.91 -4.82 16.75
CA GLY A 344 -38.55 -4.98 17.23
C GLY A 344 -38.31 -4.19 18.51
N LEU A 345 -38.75 -2.94 18.52
CA LEU A 345 -38.59 -2.09 19.69
C LEU A 345 -39.38 -2.64 20.88
N ARG A 346 -40.55 -3.21 20.60
CA ARG A 346 -41.39 -3.81 21.65
C ARG A 346 -40.66 -4.97 22.32
N ARG A 347 -40.19 -5.91 21.51
CA ARG A 347 -39.60 -7.14 22.02
C ARG A 347 -38.30 -6.87 22.77
N ALA A 348 -37.50 -5.91 22.28
CA ALA A 348 -36.24 -5.55 22.91
C ALA A 348 -36.49 -4.91 24.27
N SER A 349 -37.43 -3.96 24.32
CA SER A 349 -37.77 -3.29 25.57
C SER A 349 -38.35 -4.30 26.56
N ALA A 350 -39.23 -5.17 26.08
CA ALA A 350 -39.85 -6.18 26.92
C ALA A 350 -38.82 -7.17 27.47
N ALA A 351 -37.88 -7.58 26.61
CA ALA A 351 -36.85 -8.53 27.01
C ALA A 351 -36.02 -7.98 28.17
N ILE A 352 -35.83 -6.67 28.19
CA ILE A 352 -35.14 -6.02 29.29
C ILE A 352 -36.07 -5.89 30.51
N ASP A 353 -37.25 -5.34 30.29
CA ASP A 353 -38.15 -4.98 31.39
C ASP A 353 -38.63 -6.20 32.20
N THR A 354 -38.73 -7.36 31.55
CA THR A 354 -39.16 -8.57 32.25
C THR A 354 -38.04 -9.21 33.05
N GLY A 355 -36.82 -8.78 32.78
CA GLY A 355 -35.64 -9.32 33.44
C GLY A 355 -35.03 -10.47 32.67
N ALA A 356 -35.62 -10.80 31.52
CA ALA A 356 -35.16 -11.93 30.73
C ALA A 356 -33.72 -11.74 30.26
N ALA A 357 -33.38 -10.53 29.86
CA ALA A 357 -32.02 -10.23 29.39
C ALA A 357 -31.02 -10.35 30.53
N GLU A 358 -31.40 -9.87 31.70
CA GLU A 358 -30.55 -9.99 32.88
C GLU A 358 -30.38 -11.46 33.25
N GLN A 359 -31.46 -12.22 33.15
CA GLN A 359 -31.44 -13.65 33.48
C GLN A 359 -30.58 -14.44 32.50
N LEU A 360 -30.71 -14.13 31.22
CA LEU A 360 -29.96 -14.85 30.19
C LEU A 360 -28.46 -14.70 30.41
N LEU A 361 -28.03 -13.49 30.77
CA LEU A 361 -26.61 -13.26 31.06
C LEU A 361 -26.16 -14.14 32.22
N ALA A 362 -26.95 -14.16 33.30
CA ALA A 362 -26.64 -15.00 34.46
C ALA A 362 -26.52 -16.46 34.06
N ARG A 363 -27.51 -16.94 33.31
CA ARG A 363 -27.52 -18.33 32.86
C ARG A 363 -26.35 -18.60 31.91
N TRP A 364 -25.89 -17.56 31.23
CA TRP A 364 -24.75 -17.68 30.32
C TRP A 364 -23.47 -17.88 31.12
N VAL A 365 -23.31 -17.10 32.18
CA VAL A 365 -22.13 -17.18 33.04
C VAL A 365 -22.04 -18.55 33.72
N ARG A 366 -23.18 -19.05 34.18
CA ARG A 366 -23.23 -20.34 34.87
C ARG A 366 -22.88 -21.48 33.92
N PHE A 367 -23.34 -21.38 32.67
CA PHE A 367 -23.09 -22.40 31.67
C PHE A 367 -21.59 -22.66 31.49
N GLY A 368 -20.81 -21.59 31.47
CA GLY A 368 -19.38 -21.69 31.29
C GLY A 368 -18.69 -22.37 32.45
N ARG A 369 -19.12 -22.04 33.66
CA ARG A 369 -18.53 -22.61 34.88
C ARG A 369 -18.92 -24.08 35.08
N GLN A 370 -19.96 -24.51 34.38
CA GLN A 370 -20.44 -25.90 34.49
C GLN A 370 -19.75 -26.83 33.50
N SER B 24 1.03 17.64 16.13
CA SER B 24 0.64 16.26 16.35
C SER B 24 1.86 15.34 16.48
N VAL B 25 1.63 14.08 16.81
CA VAL B 25 2.69 13.09 16.95
C VAL B 25 2.87 12.30 15.64
N PRO B 26 4.03 12.43 14.97
CA PRO B 26 4.25 11.65 13.75
C PRO B 26 4.15 10.15 14.00
N SER B 27 3.36 9.47 13.18
CA SER B 27 3.19 8.03 13.31
C SER B 27 2.80 7.41 11.97
N TRP B 28 2.91 6.08 11.89
CA TRP B 28 2.52 5.38 10.67
C TRP B 28 1.02 5.42 10.43
N PRO B 29 0.20 5.20 11.48
CA PRO B 29 -1.25 5.34 11.28
C PRO B 29 -1.65 6.71 10.76
N GLN B 30 -0.94 7.76 11.19
CA GLN B 30 -1.24 9.12 10.76
C GLN B 30 -0.89 9.33 9.29
N ILE B 31 0.37 9.07 8.95
CA ILE B 31 0.85 9.32 7.58
C ILE B 31 0.19 8.38 6.58
N LEU B 32 0.14 7.09 6.90
CA LEU B 32 -0.51 6.12 6.02
C LEU B 32 -1.99 6.44 5.87
N GLY B 33 -2.62 6.85 6.97
CA GLY B 33 -4.01 7.25 6.95
C GLY B 33 -4.24 8.45 6.03
N ARG B 34 -3.27 9.36 6.00
CA ARG B 34 -3.37 10.54 5.17
C ARG B 34 -3.25 10.16 3.69
N LEU B 35 -2.35 9.23 3.40
CA LEU B 35 -2.13 8.76 2.04
C LEU B 35 -3.33 7.97 1.51
N THR B 36 -3.91 7.10 2.35
CA THR B 36 -5.07 6.30 1.95
C THR B 36 -6.28 7.19 1.72
N ASP B 37 -6.31 8.34 2.40
N ASP B 37 -6.31 8.33 2.41
CA ASP B 37 -7.35 9.34 2.18
CA ASP B 37 -7.36 9.33 2.18
C ASP B 37 -7.05 10.19 0.95
C ASP B 37 -7.05 10.19 0.96
N ASN B 38 -5.97 9.85 0.26
CA ASN B 38 -5.55 10.54 -0.96
C ASN B 38 -5.26 12.03 -0.75
N ARG B 39 -4.61 12.34 0.37
CA ARG B 39 -4.18 13.70 0.67
C ARG B 39 -2.67 13.81 0.58
N ASP B 40 -2.19 14.88 -0.05
CA ASP B 40 -0.77 15.20 -0.03
C ASP B 40 -0.32 15.34 1.42
N LEU B 41 0.90 14.90 1.71
CA LEU B 41 1.43 14.98 3.06
C LEU B 41 1.82 16.40 3.40
N ALA B 42 1.86 16.71 4.70
CA ALA B 42 2.37 17.98 5.17
C ALA B 42 3.89 17.98 5.10
N ARG B 43 4.48 19.17 5.06
CA ARG B 43 5.94 19.29 5.05
C ARG B 43 6.55 18.49 6.19
N GLY B 44 7.56 17.71 5.87
CA GLY B 44 8.33 16.98 6.87
C GLY B 44 7.88 15.54 7.09
N GLN B 45 6.63 15.25 6.75
CA GLN B 45 6.08 13.92 7.00
C GLN B 45 6.75 12.85 6.15
N ALA B 46 6.92 13.12 4.86
CA ALA B 46 7.61 12.18 3.99
C ALA B 46 9.02 11.95 4.49
N ALA B 47 9.66 13.02 4.94
CA ALA B 47 11.01 12.95 5.48
C ALA B 47 11.04 12.06 6.73
N TRP B 48 10.05 12.22 7.60
CA TRP B 48 9.96 11.39 8.80
C TRP B 48 9.84 9.92 8.44
N ALA B 49 8.95 9.62 7.52
CA ALA B 49 8.72 8.24 7.09
C ALA B 49 9.99 7.61 6.55
N MET B 50 10.67 8.32 5.66
CA MET B 50 11.88 7.79 5.03
C MET B 50 12.99 7.61 6.06
N ASP B 51 13.06 8.52 7.03
CA ASP B 51 14.10 8.44 8.06
C ASP B 51 13.86 7.24 8.97
N GLN B 52 12.60 6.95 9.26
CA GLN B 52 12.26 5.78 10.03
C GLN B 52 12.67 4.52 9.28
N ILE B 53 12.51 4.54 7.96
CA ILE B 53 12.89 3.42 7.10
C ILE B 53 14.40 3.28 7.03
N MET B 54 15.08 4.41 7.04
CA MET B 54 16.53 4.46 6.83
C MET B 54 17.33 4.28 8.12
N THR B 55 16.65 3.91 9.21
CA THR B 55 17.31 3.70 10.49
C THR B 55 16.90 2.39 11.15
N GLY B 56 16.23 1.54 10.40
CA GLY B 56 15.85 0.23 10.89
C GLY B 56 14.73 0.26 11.92
N ASN B 57 14.00 1.38 11.97
CA ASN B 57 12.91 1.54 12.93
C ASN B 57 11.53 1.29 12.31
N ALA B 58 11.52 0.74 11.09
CA ALA B 58 10.27 0.45 10.38
C ALA B 58 10.14 -1.03 10.09
N ARG B 59 9.01 -1.60 10.48
CA ARG B 59 8.71 -2.98 10.15
C ARG B 59 8.57 -3.11 8.64
N PRO B 60 8.91 -4.29 8.08
CA PRO B 60 8.74 -4.51 6.64
C PRO B 60 7.33 -4.16 6.15
N ALA B 61 6.32 -4.49 6.95
CA ALA B 61 4.93 -4.20 6.60
C ALA B 61 4.70 -2.71 6.47
N GLN B 62 5.30 -1.94 7.38
CA GLN B 62 5.18 -0.49 7.38
C GLN B 62 5.91 0.11 6.17
N ILE B 63 7.10 -0.42 5.88
CA ILE B 63 7.86 0.01 4.70
C ILE B 63 7.02 -0.20 3.45
N ALA B 64 6.45 -1.38 3.31
CA ALA B 64 5.68 -1.73 2.13
C ALA B 64 4.43 -0.86 2.01
N ALA B 65 3.70 -0.73 3.11
CA ALA B 65 2.47 0.08 3.14
C ALA B 65 2.76 1.50 2.68
N PHE B 66 3.87 2.07 3.16
CA PHE B 66 4.23 3.43 2.80
C PHE B 66 4.59 3.54 1.31
N ALA B 67 5.40 2.61 0.83
CA ALA B 67 5.83 2.62 -0.56
C ALA B 67 4.64 2.53 -1.50
N VAL B 68 3.72 1.60 -1.22
CA VAL B 68 2.53 1.44 -2.04
C VAL B 68 1.63 2.67 -1.93
N ALA B 69 1.36 3.10 -0.70
CA ALA B 69 0.46 4.21 -0.45
C ALA B 69 0.95 5.50 -1.11
N MET B 70 2.25 5.74 -1.01
CA MET B 70 2.86 6.93 -1.60
C MET B 70 2.74 6.91 -3.12
N THR B 71 2.69 5.71 -3.68
CA THR B 71 2.62 5.54 -5.13
C THR B 71 1.21 5.74 -5.65
N MET B 72 0.23 5.16 -4.97
CA MET B 72 -1.14 5.19 -5.45
C MET B 72 -1.81 6.54 -5.21
N LYS B 73 -1.35 7.29 -4.22
CA LYS B 73 -1.82 8.65 -4.03
C LYS B 73 -1.38 9.55 -5.19
N ALA B 74 -0.17 9.28 -5.68
CA ALA B 74 0.54 10.09 -6.69
C ALA B 74 1.47 11.07 -5.97
N PRO B 75 2.76 10.73 -5.89
CA PRO B 75 3.70 11.56 -5.11
C PRO B 75 3.98 12.91 -5.78
N THR B 76 4.13 13.94 -4.96
CA THR B 76 4.48 15.27 -5.44
C THR B 76 5.99 15.43 -5.47
N ALA B 77 6.47 16.43 -6.20
CA ALA B 77 7.89 16.72 -6.26
C ALA B 77 8.45 17.05 -4.87
N ASP B 78 7.66 17.74 -4.06
CA ASP B 78 8.05 18.05 -2.68
C ASP B 78 8.30 16.77 -1.88
N GLU B 79 7.35 15.83 -1.96
CA GLU B 79 7.42 14.58 -1.19
C GLU B 79 8.60 13.72 -1.62
N VAL B 80 8.77 13.53 -2.93
CA VAL B 80 9.88 12.74 -3.45
C VAL B 80 11.21 13.40 -3.09
N GLY B 81 11.21 14.74 -3.07
CA GLY B 81 12.40 15.48 -2.70
C GLY B 81 12.80 15.22 -1.27
N GLU B 82 11.81 15.05 -0.39
CA GLU B 82 12.08 14.76 1.02
C GLU B 82 12.66 13.36 1.16
N LEU B 83 12.11 12.41 0.43
CA LEU B 83 12.62 11.03 0.46
C LEU B 83 14.09 10.98 0.05
N ALA B 84 14.39 11.59 -1.09
CA ALA B 84 15.76 11.63 -1.62
C ALA B 84 16.68 12.36 -0.66
N GLY B 85 16.19 13.46 -0.09
CA GLY B 85 16.97 14.25 0.86
C GLY B 85 17.41 13.44 2.06
N VAL B 86 16.47 12.68 2.63
CA VAL B 86 16.77 11.84 3.78
C VAL B 86 17.86 10.83 3.41
N MET B 87 17.71 10.19 2.25
CA MET B 87 18.69 9.22 1.78
C MET B 87 20.07 9.86 1.69
N LEU B 88 20.13 11.05 1.09
CA LEU B 88 21.39 11.77 0.91
C LEU B 88 21.98 12.25 2.24
N SER B 89 21.12 12.50 3.22
CA SER B 89 21.59 12.95 4.53
C SER B 89 22.18 11.79 5.34
N HIS B 90 21.92 10.56 4.88
CA HIS B 90 22.44 9.36 5.54
C HIS B 90 23.58 8.71 4.75
N ALA B 91 23.66 9.02 3.47
CA ALA B 91 24.60 8.36 2.57
C ALA B 91 26.05 8.75 2.87
N HIS B 92 26.97 7.87 2.47
CA HIS B 92 28.40 8.17 2.52
C HIS B 92 28.71 9.24 1.48
N PRO B 93 29.24 10.40 1.92
CA PRO B 93 29.60 11.43 0.95
C PRO B 93 30.98 11.21 0.34
N LEU B 94 31.26 11.85 -0.78
CA LEU B 94 32.62 11.86 -1.31
C LEU B 94 33.41 12.93 -0.55
N PRO B 95 34.74 12.75 -0.44
CA PRO B 95 35.55 13.74 0.28
C PRO B 95 35.40 15.14 -0.29
N ALA B 96 35.69 16.14 0.53
CA ALA B 96 35.54 17.54 0.13
C ALA B 96 36.40 17.87 -1.09
N ASP B 97 35.81 18.62 -2.03
CA ASP B 97 36.51 19.14 -3.20
C ASP B 97 37.08 18.04 -4.12
N THR B 98 36.46 16.86 -4.11
CA THR B 98 36.88 15.76 -4.98
C THR B 98 36.00 15.64 -6.21
N VAL B 99 34.79 16.21 -6.13
CA VAL B 99 33.86 16.17 -7.24
C VAL B 99 33.85 17.53 -7.95
N PRO B 100 34.25 17.56 -9.24
CA PRO B 100 34.18 18.82 -9.99
C PRO B 100 32.77 19.41 -10.00
N ASP B 101 32.68 20.73 -10.04
CA ASP B 101 31.40 21.40 -9.97
C ASP B 101 30.53 21.13 -11.20
N ASP B 102 31.17 20.69 -12.29
CA ASP B 102 30.46 20.41 -13.54
C ASP B 102 30.41 18.90 -13.85
N ALA B 103 30.43 18.08 -12.81
CA ALA B 103 30.34 16.62 -13.01
C ALA B 103 28.92 16.24 -13.41
N VAL B 104 28.80 15.25 -14.30
CA VAL B 104 27.49 14.80 -14.78
C VAL B 104 27.20 13.37 -14.39
N ASP B 105 25.91 13.03 -14.34
CA ASP B 105 25.48 11.67 -14.12
C ASP B 105 24.72 11.18 -15.34
N VAL B 106 24.78 9.87 -15.58
CA VAL B 106 24.00 9.25 -16.65
C VAL B 106 23.38 7.96 -16.11
N VAL B 107 22.09 8.01 -15.81
CA VAL B 107 21.41 6.89 -15.17
C VAL B 107 19.90 6.99 -15.33
N GLY B 108 19.23 5.85 -15.25
CA GLY B 108 17.78 5.80 -15.34
C GLY B 108 17.16 5.07 -14.17
N THR B 109 15.84 5.11 -14.10
CA THR B 109 15.10 4.40 -13.07
C THR B 109 15.10 2.90 -13.35
N GLY B 110 15.31 2.55 -14.62
CA GLY B 110 15.19 1.16 -15.05
C GLY B 110 13.73 0.77 -15.13
N GLY B 111 13.48 -0.51 -15.42
CA GLY B 111 12.13 -1.04 -15.40
C GLY B 111 11.26 -0.59 -16.56
N ASP B 112 11.86 -0.43 -17.74
CA ASP B 112 11.07 -0.12 -18.94
C ASP B 112 10.54 -1.41 -19.57
N GLY B 113 10.98 -2.55 -19.06
CA GLY B 113 10.52 -3.85 -19.53
C GLY B 113 11.28 -4.37 -20.72
N VAL B 114 11.96 -3.47 -21.43
CA VAL B 114 12.70 -3.83 -22.63
C VAL B 114 14.17 -4.12 -22.31
N ASN B 115 14.61 -5.35 -22.58
CA ASN B 115 16.00 -5.73 -22.31
C ASN B 115 16.94 -5.25 -23.40
N THR B 116 17.30 -3.97 -23.32
CA THR B 116 18.22 -3.35 -24.26
C THR B 116 19.65 -3.45 -23.76
N VAL B 117 20.59 -3.02 -24.61
CA VAL B 117 21.96 -2.85 -24.16
C VAL B 117 22.00 -1.70 -23.16
N ASN B 118 23.13 -1.57 -22.46
CA ASN B 118 23.24 -0.57 -21.39
C ASN B 118 23.68 0.80 -21.92
N LEU B 119 22.70 1.58 -22.37
CA LEU B 119 22.97 2.85 -23.05
C LEU B 119 23.55 3.91 -22.12
N SER B 120 23.08 3.96 -20.88
CA SER B 120 23.57 4.95 -19.93
C SER B 120 25.04 4.71 -19.59
N THR B 121 25.37 3.45 -19.35
CA THR B 121 26.74 3.09 -19.00
C THR B 121 27.67 3.34 -20.18
N MET B 122 27.23 2.99 -21.38
CA MET B 122 28.02 3.21 -22.58
C MET B 122 28.21 4.70 -22.86
N ALA B 123 27.12 5.45 -22.73
CA ALA B 123 27.17 6.90 -22.91
C ALA B 123 28.12 7.54 -21.90
N ALA B 124 28.03 7.08 -20.66
CA ALA B 124 28.87 7.60 -19.58
C ALA B 124 30.36 7.49 -19.92
N ILE B 125 30.75 6.36 -20.48
CA ILE B 125 32.14 6.16 -20.89
C ILE B 125 32.53 7.15 -21.98
N VAL B 126 31.67 7.27 -23.00
CA VAL B 126 31.90 8.19 -24.10
C VAL B 126 31.98 9.64 -23.61
N VAL B 127 31.06 10.02 -22.72
CA VAL B 127 31.02 11.38 -22.19
C VAL B 127 32.30 11.70 -21.41
N ALA B 128 32.74 10.76 -20.57
CA ALA B 128 33.97 10.94 -19.80
C ALA B 128 35.17 11.09 -20.73
N ALA B 129 35.19 10.29 -21.80
CA ALA B 129 36.28 10.32 -22.75
C ALA B 129 36.33 11.67 -23.47
N ALA B 130 35.19 12.34 -23.56
CA ALA B 130 35.10 13.63 -24.25
C ALA B 130 35.61 14.77 -23.37
N GLY B 131 35.93 14.47 -22.12
CA GLY B 131 36.49 15.45 -21.20
C GLY B 131 35.53 15.92 -20.12
N VAL B 132 34.29 15.46 -20.16
CA VAL B 132 33.28 15.85 -19.17
C VAL B 132 33.33 14.90 -17.97
N PRO B 133 33.62 15.41 -16.77
CA PRO B 133 33.69 14.52 -15.60
C PRO B 133 32.37 13.79 -15.35
N VAL B 134 32.43 12.47 -15.26
CA VAL B 134 31.26 11.65 -14.99
C VAL B 134 31.40 10.91 -13.66
N VAL B 135 30.50 11.19 -12.74
CA VAL B 135 30.39 10.37 -11.53
C VAL B 135 29.05 9.65 -11.62
N LYS B 136 29.12 8.39 -12.02
CA LYS B 136 27.93 7.62 -12.31
C LYS B 136 27.39 6.92 -11.08
N HIS B 137 26.10 7.11 -10.83
CA HIS B 137 25.39 6.33 -9.83
C HIS B 137 24.88 5.09 -10.53
N GLY B 138 24.68 4.01 -9.78
CA GLY B 138 24.22 2.78 -10.40
C GLY B 138 23.95 1.64 -9.46
N ASN B 139 23.45 0.54 -10.03
CA ASN B 139 23.06 -0.63 -9.28
C ASN B 139 22.97 -1.83 -10.22
N ARG B 140 22.79 -3.02 -9.67
CA ARG B 140 22.63 -4.21 -10.49
C ARG B 140 21.23 -4.25 -11.09
N ALA B 141 20.98 -5.27 -11.92
CA ALA B 141 19.67 -5.43 -12.54
C ALA B 141 18.61 -5.69 -11.47
N ALA B 142 17.38 -5.24 -11.75
CA ALA B 142 16.24 -5.52 -10.89
C ALA B 142 15.23 -6.38 -11.63
N SER B 143 15.11 -6.14 -12.93
CA SER B 143 14.19 -6.90 -13.77
C SER B 143 14.80 -7.24 -15.14
N SER B 144 15.90 -6.58 -15.49
CA SER B 144 16.57 -6.83 -16.76
C SER B 144 17.53 -8.01 -16.66
N LEU B 145 18.09 -8.41 -17.79
CA LEU B 145 19.06 -9.50 -17.82
C LEU B 145 20.43 -9.03 -17.36
N SER B 146 20.67 -7.71 -17.43
CA SER B 146 21.92 -7.15 -16.99
C SER B 146 21.82 -5.64 -16.81
N GLY B 147 22.13 -5.17 -15.60
CA GLY B 147 22.13 -3.75 -15.32
C GLY B 147 23.49 -3.13 -15.62
N GLY B 148 23.60 -1.82 -15.38
CA GLY B 148 24.84 -1.12 -15.62
C GLY B 148 25.98 -1.69 -14.81
N ALA B 149 25.75 -1.87 -13.52
CA ALA B 149 26.77 -2.41 -12.62
C ALA B 149 27.19 -3.81 -13.04
N ASP B 150 26.24 -4.61 -13.49
CA ASP B 150 26.52 -5.98 -13.92
C ASP B 150 27.45 -6.00 -15.13
N THR B 151 27.16 -5.15 -16.11
CA THR B 151 27.94 -5.10 -17.34
C THR B 151 29.33 -4.54 -17.08
N LEU B 152 29.43 -3.53 -16.22
CA LEU B 152 30.73 -2.97 -15.85
C LEU B 152 31.60 -4.01 -15.18
N GLU B 153 30.98 -4.78 -14.29
CA GLU B 153 31.68 -5.84 -13.56
C GLU B 153 32.23 -6.88 -14.53
N ALA B 154 31.47 -7.17 -15.58
CA ALA B 154 31.88 -8.15 -16.57
C ALA B 154 32.99 -7.60 -17.47
N LEU B 155 33.18 -6.28 -17.45
CA LEU B 155 34.23 -5.64 -18.21
C LEU B 155 35.53 -5.52 -17.41
N GLY B 156 35.48 -5.85 -16.13
CA GLY B 156 36.64 -5.82 -15.27
C GLY B 156 36.74 -4.57 -14.42
N VAL B 157 35.69 -3.75 -14.45
CA VAL B 157 35.66 -2.52 -13.66
C VAL B 157 35.20 -2.81 -12.24
N ARG B 158 35.95 -2.31 -11.27
CA ARG B 158 35.57 -2.38 -9.86
C ARG B 158 34.38 -1.46 -9.60
N ILE B 159 33.27 -2.03 -9.15
CA ILE B 159 32.03 -1.25 -9.00
C ILE B 159 31.75 -0.86 -7.55
N ASP B 160 32.33 -1.58 -6.59
CA ASP B 160 31.95 -1.39 -5.19
C ASP B 160 32.95 -0.58 -4.35
N LEU B 161 33.66 0.35 -4.99
CA LEU B 161 34.67 1.14 -4.29
C LEU B 161 34.06 2.16 -3.35
N GLY B 162 34.76 2.43 -2.25
CA GLY B 162 34.32 3.43 -1.28
C GLY B 162 34.60 4.85 -1.76
N PRO B 163 34.18 5.84 -0.96
CA PRO B 163 34.28 7.26 -1.34
C PRO B 163 35.68 7.68 -1.79
N ASP B 164 36.69 7.42 -0.96
CA ASP B 164 38.05 7.85 -1.24
C ASP B 164 38.54 7.34 -2.60
N LEU B 165 38.27 6.07 -2.89
CA LEU B 165 38.76 5.46 -4.13
C LEU B 165 37.95 5.90 -5.35
N VAL B 166 36.67 6.18 -5.16
CA VAL B 166 35.85 6.71 -6.25
C VAL B 166 36.35 8.10 -6.61
N ALA B 167 36.80 8.85 -5.60
CA ALA B 167 37.35 10.17 -5.83
C ALA B 167 38.64 10.09 -6.65
N ARG B 168 39.50 9.15 -6.28
CA ARG B 168 40.74 8.92 -7.02
C ARG B 168 40.44 8.48 -8.45
N SER B 169 39.44 7.62 -8.60
CA SER B 169 39.04 7.16 -9.91
C SER B 169 38.62 8.34 -10.78
N LEU B 170 37.80 9.21 -10.22
CA LEU B 170 37.29 10.37 -10.92
C LEU B 170 38.44 11.30 -11.33
N ALA B 171 39.44 11.42 -10.48
CA ALA B 171 40.58 12.30 -10.75
C ALA B 171 41.50 11.70 -11.81
N GLU B 172 41.89 10.44 -11.63
CA GLU B 172 42.88 9.82 -12.50
C GLU B 172 42.32 9.39 -13.85
N VAL B 173 41.11 8.83 -13.84
CA VAL B 173 40.53 8.23 -15.03
C VAL B 173 39.61 9.19 -15.76
N GLY B 174 38.91 10.02 -14.99
CA GLY B 174 37.91 10.93 -15.53
C GLY B 174 36.51 10.40 -15.34
N ILE B 175 36.39 9.27 -14.64
CA ILE B 175 35.09 8.70 -14.36
C ILE B 175 35.12 7.95 -13.02
N GLY B 176 33.97 7.95 -12.34
CA GLY B 176 33.81 7.21 -11.10
C GLY B 176 32.43 6.58 -11.07
N PHE B 177 32.30 5.48 -10.33
CA PHE B 177 31.04 4.78 -10.23
C PHE B 177 30.67 4.52 -8.77
N CYS B 178 29.55 5.10 -8.34
CA CYS B 178 29.03 4.89 -7.01
C CYS B 178 27.97 3.79 -7.00
N PHE B 179 28.32 2.66 -6.40
CA PHE B 179 27.38 1.54 -6.25
C PHE B 179 26.42 1.84 -5.12
N ALA B 180 25.12 1.91 -5.43
CA ALA B 180 24.14 2.43 -4.49
C ALA B 180 24.12 1.67 -3.16
N PRO B 181 24.21 0.33 -3.20
CA PRO B 181 24.30 -0.41 -1.93
C PRO B 181 25.53 -0.07 -1.09
N ARG B 182 26.59 0.42 -1.74
CA ARG B 182 27.83 0.74 -1.03
C ARG B 182 27.72 2.10 -0.32
N PHE B 183 27.07 3.05 -0.98
CA PHE B 183 26.98 4.41 -0.44
C PHE B 183 25.68 4.64 0.33
N HIS B 184 24.73 3.73 0.19
CA HIS B 184 23.46 3.82 0.89
C HIS B 184 23.19 2.54 1.69
N PRO B 185 24.09 2.19 2.61
CA PRO B 185 23.96 0.93 3.35
C PRO B 185 22.67 0.84 4.16
N SER B 186 22.16 1.99 4.61
CA SER B 186 20.95 2.02 5.44
C SER B 186 19.67 1.91 4.63
N TYR B 187 19.81 1.75 3.31
CA TYR B 187 18.66 1.61 2.42
C TYR B 187 18.30 0.13 2.25
N ARG B 188 19.08 -0.75 2.86
CA ARG B 188 18.95 -2.18 2.60
C ARG B 188 17.58 -2.74 2.98
N HIS B 189 16.97 -2.21 4.03
CA HIS B 189 15.65 -2.66 4.45
C HIS B 189 14.60 -2.29 3.41
N ALA B 190 14.70 -1.07 2.89
CA ALA B 190 13.80 -0.62 1.84
C ALA B 190 14.04 -1.42 0.56
N ALA B 191 15.30 -1.66 0.25
CA ALA B 191 15.67 -2.42 -0.94
C ALA B 191 15.11 -3.84 -0.89
N ALA B 192 15.18 -4.45 0.30
CA ALA B 192 14.66 -5.80 0.48
C ALA B 192 13.15 -5.85 0.24
N VAL B 193 12.44 -4.87 0.78
CA VAL B 193 10.99 -4.81 0.62
C VAL B 193 10.61 -4.63 -0.84
N ARG B 194 11.32 -3.75 -1.56
CA ARG B 194 11.10 -3.57 -2.98
C ARG B 194 11.21 -4.89 -3.71
N ARG B 195 12.20 -5.68 -3.30
CA ARG B 195 12.45 -7.00 -3.87
C ARG B 195 11.25 -7.92 -3.65
N GLU B 196 10.74 -7.90 -2.43
CA GLU B 196 9.67 -8.81 -2.03
C GLU B 196 8.33 -8.54 -2.72
N ILE B 197 7.98 -7.26 -2.86
CA ILE B 197 6.67 -6.92 -3.42
C ILE B 197 6.72 -6.88 -4.96
N GLY B 198 7.91 -6.65 -5.51
CA GLY B 198 8.09 -6.72 -6.95
C GLY B 198 7.54 -5.55 -7.74
N VAL B 199 6.34 -5.09 -7.38
CA VAL B 199 5.70 -4.01 -8.11
C VAL B 199 6.49 -2.70 -7.99
N PRO B 200 6.53 -1.90 -9.08
CA PRO B 200 7.20 -0.59 -8.98
C PRO B 200 6.49 0.36 -8.02
N THR B 201 7.28 1.12 -7.27
CA THR B 201 6.75 2.15 -6.38
C THR B 201 7.54 3.43 -6.52
N VAL B 202 7.25 4.39 -5.65
CA VAL B 202 7.97 5.66 -5.65
C VAL B 202 9.47 5.44 -5.41
N PHE B 203 9.80 4.32 -4.77
CA PHE B 203 11.20 3.98 -4.48
C PHE B 203 12.03 3.84 -5.74
N ASN B 204 11.37 3.45 -6.84
CA ASN B 204 12.06 3.24 -8.11
C ASN B 204 12.57 4.56 -8.70
N LEU B 205 12.08 5.69 -8.19
CA LEU B 205 12.51 7.00 -8.66
C LEU B 205 13.74 7.52 -7.93
N LEU B 206 14.02 6.94 -6.77
CA LEU B 206 15.01 7.49 -5.85
C LEU B 206 16.45 7.30 -6.30
N GLY B 207 16.73 6.18 -6.98
CA GLY B 207 18.07 5.88 -7.43
C GLY B 207 18.74 7.03 -8.16
N PRO B 208 18.15 7.46 -9.28
CA PRO B 208 18.68 8.59 -10.06
C PRO B 208 18.72 9.91 -9.27
N LEU B 209 17.89 10.02 -8.23
CA LEU B 209 17.77 11.26 -7.47
C LEU B 209 18.71 11.33 -6.27
N THR B 210 19.45 10.25 -6.02
CA THR B 210 20.28 10.15 -4.82
C THR B 210 21.73 9.75 -5.11
N ASN B 211 22.31 10.32 -6.17
CA ASN B 211 23.73 10.14 -6.42
C ASN B 211 24.51 10.74 -5.23
N PRO B 212 25.35 9.92 -4.56
CA PRO B 212 26.01 10.40 -3.35
C PRO B 212 26.98 11.55 -3.63
N ALA B 213 27.52 11.59 -4.84
CA ALA B 213 28.46 12.63 -5.22
C ALA B 213 27.75 13.95 -5.56
N ARG B 214 26.43 13.86 -5.72
CA ARG B 214 25.60 15.04 -5.97
C ARG B 214 26.07 15.87 -7.16
N PRO B 215 26.26 15.23 -8.33
CA PRO B 215 26.57 16.03 -9.52
C PRO B 215 25.42 16.96 -9.89
N ARG B 216 25.73 18.16 -10.36
CA ARG B 216 24.72 19.18 -10.61
C ARG B 216 24.07 19.07 -11.98
N ALA B 217 24.58 18.15 -12.80
CA ALA B 217 24.03 17.92 -14.13
C ALA B 217 23.88 16.43 -14.41
N GLY B 218 23.06 16.08 -15.39
CA GLY B 218 22.91 14.71 -15.79
C GLY B 218 21.86 14.45 -16.85
N LEU B 219 21.93 13.26 -17.43
CA LEU B 219 20.90 12.75 -18.33
C LEU B 219 20.16 11.63 -17.61
N ILE B 220 18.91 11.90 -17.25
CA ILE B 220 18.17 11.04 -16.33
C ILE B 220 17.01 10.34 -17.03
N GLY B 221 17.07 9.02 -17.08
CA GLY B 221 16.04 8.22 -17.70
C GLY B 221 14.90 7.91 -16.74
N CYS B 222 13.67 7.98 -17.23
CA CYS B 222 12.49 7.65 -16.43
C CYS B 222 11.55 6.74 -17.22
N ALA B 223 11.39 5.51 -16.76
CA ALA B 223 10.56 4.51 -17.44
C ALA B 223 9.07 4.78 -17.29
N PHE B 224 8.72 5.53 -16.25
CA PHE B 224 7.32 5.82 -15.93
C PHE B 224 6.94 7.22 -16.38
N ALA B 225 6.28 7.29 -17.53
CA ALA B 225 5.98 8.57 -18.19
C ALA B 225 5.26 9.55 -17.26
N ASP B 226 4.37 9.02 -16.42
CA ASP B 226 3.54 9.86 -15.56
C ASP B 226 4.29 10.42 -14.33
N LEU B 227 5.55 10.03 -14.16
CA LEU B 227 6.34 10.43 -13.01
C LEU B 227 7.63 11.14 -13.39
N ALA B 228 7.88 11.26 -14.69
CA ALA B 228 9.08 11.94 -15.16
C ALA B 228 9.06 13.41 -14.74
N GLU B 229 7.90 14.04 -14.85
CA GLU B 229 7.76 15.44 -14.47
C GLU B 229 8.05 15.63 -12.99
N VAL B 230 7.71 14.62 -12.20
CA VAL B 230 7.99 14.66 -10.77
C VAL B 230 9.50 14.63 -10.52
N MET B 231 10.20 13.73 -11.21
CA MET B 231 11.65 13.65 -11.10
C MET B 231 12.29 14.97 -11.50
N ALA B 232 11.76 15.57 -12.56
CA ALA B 232 12.25 16.85 -13.06
C ALA B 232 12.07 17.94 -12.01
N GLY B 233 10.92 17.93 -11.33
CA GLY B 233 10.62 18.90 -10.30
C GLY B 233 11.60 18.82 -9.15
N VAL B 234 12.01 17.60 -8.80
CA VAL B 234 12.98 17.39 -7.74
C VAL B 234 14.34 17.98 -8.14
N PHE B 235 14.77 17.70 -9.36
CA PHE B 235 16.03 18.23 -9.87
C PHE B 235 15.96 19.75 -9.99
N ALA B 236 14.80 20.25 -10.40
CA ALA B 236 14.58 21.69 -10.52
C ALA B 236 14.77 22.38 -9.17
N ALA B 237 14.33 21.72 -8.10
CA ALA B 237 14.43 22.29 -6.77
C ALA B 237 15.87 22.50 -6.35
N ARG B 238 16.76 21.64 -6.84
CA ARG B 238 18.20 21.77 -6.57
C ARG B 238 18.88 22.68 -7.58
N ARG B 239 18.11 23.19 -8.53
N ARG B 239 18.12 23.20 -8.53
CA ARG B 239 18.65 23.98 -9.64
CA ARG B 239 18.66 23.98 -9.64
C ARG B 239 19.75 23.20 -10.35
C ARG B 239 19.77 23.20 -10.35
N SER B 240 19.47 21.94 -10.67
CA SER B 240 20.38 21.10 -11.42
C SER B 240 20.13 21.31 -12.91
N SER B 241 21.17 21.12 -13.72
CA SER B 241 21.01 21.17 -15.17
C SER B 241 20.79 19.76 -15.69
N VAL B 242 19.53 19.39 -15.84
CA VAL B 242 19.17 18.00 -16.12
C VAL B 242 18.18 17.88 -17.27
N LEU B 243 18.33 16.80 -18.04
CA LEU B 243 17.34 16.37 -19.01
C LEU B 243 16.73 15.07 -18.53
N VAL B 244 15.46 15.10 -18.14
CA VAL B 244 14.74 13.89 -17.77
C VAL B 244 14.07 13.34 -19.03
N VAL B 245 14.51 12.17 -19.48
CA VAL B 245 14.10 11.64 -20.77
C VAL B 245 13.23 10.39 -20.66
N HIS B 246 12.23 10.31 -21.53
CA HIS B 246 11.38 9.15 -21.64
C HIS B 246 11.11 8.90 -23.12
N GLY B 247 11.69 7.85 -23.67
CA GLY B 247 11.44 7.48 -25.04
C GLY B 247 9.97 7.23 -25.26
N ASP B 248 9.41 7.79 -26.32
CA ASP B 248 7.99 7.60 -26.61
C ASP B 248 7.69 6.17 -27.05
N ASP B 249 8.72 5.33 -27.06
CA ASP B 249 8.58 3.89 -27.25
C ASP B 249 8.69 3.15 -25.92
N GLY B 250 8.76 3.91 -24.82
CA GLY B 250 8.74 3.34 -23.49
C GLY B 250 10.09 3.29 -22.79
N LEU B 251 11.18 3.50 -23.53
CA LEU B 251 12.51 3.39 -22.95
C LEU B 251 12.80 4.52 -21.96
N ASP B 252 13.54 4.20 -20.91
CA ASP B 252 14.05 5.22 -20.00
C ASP B 252 15.38 5.75 -20.55
N GLU B 253 15.37 6.05 -21.84
CA GLU B 253 16.55 6.50 -22.57
C GLU B 253 16.11 7.45 -23.67
N LEU B 254 17.05 8.17 -24.24
CA LEU B 254 16.82 8.81 -25.52
C LEU B 254 16.82 7.71 -26.57
N THR B 255 15.69 7.51 -27.24
CA THR B 255 15.56 6.43 -28.21
C THR B 255 15.86 6.89 -29.62
N THR B 256 15.96 5.93 -30.54
CA THR B 256 16.20 6.20 -31.95
C THR B 256 15.10 5.57 -32.82
N THR B 257 14.15 4.89 -32.18
CA THR B 257 13.06 4.24 -32.88
C THR B 257 11.91 5.23 -33.12
N THR B 258 11.91 6.33 -32.37
CA THR B 258 10.89 7.36 -32.52
C THR B 258 11.31 8.61 -31.73
N THR B 259 10.38 9.54 -31.55
CA THR B 259 10.65 10.75 -30.79
C THR B 259 10.77 10.46 -29.29
N SER B 260 11.23 11.44 -28.54
CA SER B 260 11.34 11.31 -27.09
C SER B 260 10.78 12.52 -26.36
N THR B 261 10.20 12.27 -25.19
CA THR B 261 9.78 13.35 -24.32
C THR B 261 10.94 13.77 -23.43
N ILE B 262 11.23 15.08 -23.40
CA ILE B 262 12.29 15.61 -22.56
C ILE B 262 11.73 16.69 -21.64
N TRP B 263 11.84 16.45 -20.34
CA TRP B 263 11.57 17.47 -19.34
C TRP B 263 12.87 18.20 -19.04
N ARG B 264 13.08 19.32 -19.70
CA ARG B 264 14.34 20.05 -19.62
C ARG B 264 14.40 20.92 -18.37
N VAL B 265 15.40 20.66 -17.53
CA VAL B 265 15.56 21.36 -16.25
C VAL B 265 16.73 22.33 -16.32
N ALA B 266 16.43 23.62 -16.25
CA ALA B 266 17.45 24.65 -16.25
C ALA B 266 16.92 25.91 -15.58
N ALA B 267 17.78 26.55 -14.77
CA ALA B 267 17.41 27.76 -14.04
C ALA B 267 16.22 27.52 -13.12
N GLY B 268 16.19 26.33 -12.51
CA GLY B 268 15.15 25.98 -11.55
C GLY B 268 13.75 25.90 -12.15
N SER B 269 13.68 25.83 -13.48
CA SER B 269 12.41 25.76 -14.19
C SER B 269 12.38 24.55 -15.13
N VAL B 270 11.22 23.92 -15.23
CA VAL B 270 11.04 22.75 -16.08
C VAL B 270 10.21 23.09 -17.31
N ASP B 271 10.62 22.56 -18.46
N ASP B 271 10.62 22.58 -18.47
CA ASP B 271 9.93 22.78 -19.72
CA ASP B 271 9.87 22.78 -19.70
C ASP B 271 9.87 21.47 -20.51
C ASP B 271 9.86 21.50 -20.52
N LYS B 272 8.67 21.02 -20.82
CA LYS B 272 8.48 19.78 -21.56
C LYS B 272 8.51 20.03 -23.07
N LEU B 273 9.08 19.09 -23.81
CA LEU B 273 9.14 19.21 -25.27
C LEU B 273 9.43 17.86 -25.93
N THR B 274 9.03 17.73 -27.19
CA THR B 274 9.28 16.52 -27.96
C THR B 274 10.59 16.64 -28.74
N PHE B 275 11.37 15.57 -28.76
CA PHE B 275 12.69 15.57 -29.36
C PHE B 275 12.78 14.52 -30.46
N ASP B 276 13.21 14.92 -31.64
CA ASP B 276 13.32 14.03 -32.78
C ASP B 276 14.78 13.94 -33.26
N PRO B 277 15.43 12.78 -33.05
CA PRO B 277 16.83 12.67 -33.47
C PRO B 277 17.00 12.69 -35.00
N ALA B 278 15.90 12.52 -35.73
CA ALA B 278 15.94 12.59 -37.18
C ALA B 278 16.40 13.98 -37.63
N GLY B 279 16.17 14.97 -36.78
CA GLY B 279 16.58 16.33 -37.05
C GLY B 279 18.09 16.52 -36.99
N PHE B 280 18.82 15.44 -36.68
CA PHE B 280 20.28 15.46 -36.67
C PHE B 280 20.86 14.39 -37.59
N GLY B 281 19.99 13.77 -38.40
CA GLY B 281 20.42 12.83 -39.42
C GLY B 281 20.25 11.37 -39.04
N PHE B 282 19.89 11.11 -37.78
CA PHE B 282 19.75 9.74 -37.30
C PHE B 282 18.57 9.03 -37.97
N ALA B 283 18.85 7.86 -38.53
CA ALA B 283 17.80 7.04 -39.13
C ALA B 283 16.96 6.39 -38.04
N ARG B 284 15.70 6.09 -38.38
CA ARG B 284 14.83 5.37 -37.46
C ARG B 284 15.31 3.95 -37.29
N ALA B 285 15.33 3.48 -36.04
CA ALA B 285 15.70 2.11 -35.73
C ALA B 285 14.48 1.37 -35.21
N GLN B 286 14.68 0.10 -34.86
CA GLN B 286 13.65 -0.69 -34.22
C GLN B 286 14.20 -1.29 -32.93
N LEU B 287 13.32 -1.53 -31.96
CA LEU B 287 13.72 -2.02 -30.64
C LEU B 287 14.52 -3.31 -30.72
N ASP B 288 14.24 -4.12 -31.74
CA ASP B 288 14.94 -5.38 -31.93
C ASP B 288 16.45 -5.15 -32.02
N GLN B 289 16.83 -4.04 -32.65
CA GLN B 289 18.23 -3.74 -32.92
C GLN B 289 18.98 -3.21 -31.69
N LEU B 290 18.24 -2.85 -30.65
CA LEU B 290 18.83 -2.35 -29.41
C LEU B 290 18.82 -3.41 -28.30
N ALA B 291 18.25 -4.57 -28.60
CA ALA B 291 18.10 -5.63 -27.61
C ALA B 291 19.47 -6.17 -27.17
N GLY B 292 19.57 -6.51 -25.90
CA GLY B 292 20.78 -7.09 -25.34
C GLY B 292 20.50 -8.43 -24.69
N GLY B 293 21.42 -8.87 -23.84
CA GLY B 293 21.28 -10.14 -23.15
C GLY B 293 21.88 -10.07 -21.75
N ASP B 294 22.69 -11.06 -21.41
CA ASP B 294 23.30 -11.12 -20.08
C ASP B 294 24.55 -10.23 -20.02
N ALA B 295 25.21 -10.21 -18.87
CA ALA B 295 26.34 -9.32 -18.64
C ALA B 295 27.43 -9.50 -19.68
N GLN B 296 27.72 -10.76 -20.02
CA GLN B 296 28.78 -11.06 -20.99
C GLN B 296 28.41 -10.57 -22.38
N ALA B 297 27.16 -10.76 -22.77
CA ALA B 297 26.67 -10.30 -24.06
C ALA B 297 26.70 -8.78 -24.13
N ASN B 298 26.10 -8.14 -23.13
CA ASN B 298 26.05 -6.69 -23.07
C ASN B 298 27.44 -6.09 -22.95
N ALA B 299 28.35 -6.79 -22.27
CA ALA B 299 29.73 -6.33 -22.16
C ALA B 299 30.40 -6.36 -23.53
N ALA B 300 30.11 -7.40 -24.31
CA ALA B 300 30.64 -7.49 -25.66
C ALA B 300 30.08 -6.36 -26.51
N ALA B 301 28.83 -6.00 -26.25
CA ALA B 301 28.19 -4.91 -26.99
C ALA B 301 28.90 -3.58 -26.71
N VAL B 302 29.35 -3.40 -25.47
CA VAL B 302 30.10 -2.20 -25.10
C VAL B 302 31.42 -2.14 -25.87
N ARG B 303 32.15 -3.26 -25.87
CA ARG B 303 33.42 -3.34 -26.59
C ARG B 303 33.21 -3.09 -28.08
N ALA B 304 32.08 -3.53 -28.61
CA ALA B 304 31.78 -3.37 -30.02
C ALA B 304 31.62 -1.90 -30.39
N VAL B 305 30.82 -1.17 -29.61
CA VAL B 305 30.59 0.25 -29.85
C VAL B 305 31.88 1.05 -29.73
N LEU B 306 32.61 0.84 -28.64
CA LEU B 306 33.82 1.61 -28.37
C LEU B 306 34.93 1.29 -29.37
N GLY B 307 34.75 0.21 -30.13
CA GLY B 307 35.71 -0.17 -31.15
C GLY B 307 35.47 0.53 -32.48
N GLY B 308 34.39 1.31 -32.55
CA GLY B 308 34.11 2.11 -33.72
C GLY B 308 33.11 1.48 -34.68
N ALA B 309 32.50 0.36 -34.25
CA ALA B 309 31.51 -0.31 -35.06
C ALA B 309 30.31 0.60 -35.34
N ARG B 310 29.95 0.72 -36.62
CA ARG B 310 28.77 1.50 -36.99
C ARG B 310 27.52 0.63 -36.85
N GLY B 311 26.39 1.28 -36.64
CA GLY B 311 25.12 0.57 -36.45
C GLY B 311 24.18 1.30 -35.52
N PRO B 312 22.98 0.74 -35.33
CA PRO B 312 21.93 1.38 -34.52
C PRO B 312 22.33 1.55 -33.06
N VAL B 313 23.19 0.69 -32.54
CA VAL B 313 23.62 0.79 -31.15
C VAL B 313 24.52 2.01 -30.96
N ARG B 314 25.45 2.21 -31.89
CA ARG B 314 26.33 3.37 -31.85
C ARG B 314 25.51 4.66 -31.87
N ASP B 315 24.49 4.70 -32.73
CA ASP B 315 23.64 5.87 -32.85
C ASP B 315 22.98 6.20 -31.52
N ALA B 316 22.47 5.17 -30.84
CA ALA B 316 21.80 5.35 -29.55
C ALA B 316 22.77 5.89 -28.51
N VAL B 317 23.97 5.31 -28.46
CA VAL B 317 25.00 5.72 -27.52
C VAL B 317 25.42 7.17 -27.76
N VAL B 318 25.74 7.50 -29.00
CA VAL B 318 26.15 8.85 -29.36
C VAL B 318 25.05 9.85 -29.02
N LEU B 319 23.80 9.46 -29.26
CA LEU B 319 22.65 10.31 -28.96
C LEU B 319 22.53 10.59 -27.47
N ASN B 320 22.59 9.54 -26.66
CA ASN B 320 22.51 9.68 -25.21
C ASN B 320 23.74 10.40 -24.67
N ALA B 321 24.91 10.04 -25.17
CA ALA B 321 26.14 10.71 -24.77
C ALA B 321 26.03 12.21 -25.03
N ALA B 322 25.49 12.56 -26.19
CA ALA B 322 25.31 13.97 -26.56
C ALA B 322 24.36 14.68 -25.59
N GLY B 323 23.27 14.00 -25.24
CA GLY B 323 22.29 14.56 -24.33
C GLY B 323 22.91 14.93 -22.99
N ALA B 324 23.78 14.07 -22.49
CA ALA B 324 24.50 14.32 -21.25
C ALA B 324 25.44 15.51 -21.40
N ILE B 325 26.06 15.63 -22.57
CA ILE B 325 26.94 16.77 -22.85
C ILE B 325 26.11 18.05 -22.92
N VAL B 326 24.91 17.96 -23.51
CA VAL B 326 24.00 19.10 -23.54
C VAL B 326 23.62 19.51 -22.12
N ALA B 327 23.39 18.51 -21.26
CA ALA B 327 23.04 18.77 -19.88
C ALA B 327 24.19 19.48 -19.17
N HIS B 328 25.40 18.99 -19.42
CA HIS B 328 26.62 19.61 -18.89
C HIS B 328 26.70 21.08 -19.31
N ALA B 329 26.42 21.34 -20.58
CA ALA B 329 26.49 22.69 -21.13
C ALA B 329 25.47 23.61 -20.47
N GLY B 330 24.33 23.05 -20.08
CA GLY B 330 23.28 23.82 -19.43
C GLY B 330 23.71 24.46 -18.13
N LEU B 331 24.84 24.00 -17.59
CA LEU B 331 25.39 24.61 -16.39
C LEU B 331 25.92 26.01 -16.70
N GLU B 336 22.45 27.62 -26.36
CA GLU B 336 21.44 27.42 -27.40
C GLU B 336 21.24 25.93 -27.66
N TRP B 337 19.97 25.53 -27.72
CA TRP B 337 19.57 24.13 -27.78
C TRP B 337 20.20 23.36 -28.94
N LEU B 338 19.88 23.77 -30.17
CA LEU B 338 20.33 23.03 -31.36
C LEU B 338 21.86 22.97 -31.48
N PRO B 339 22.54 24.12 -31.39
CA PRO B 339 24.00 24.09 -31.48
C PRO B 339 24.66 23.22 -30.40
N ALA B 340 24.07 23.19 -29.21
CA ALA B 340 24.58 22.39 -28.11
C ALA B 340 24.54 20.91 -28.47
N TRP B 341 23.45 20.48 -29.10
CA TRP B 341 23.32 19.09 -29.53
C TRP B 341 24.31 18.76 -30.64
N GLU B 342 24.50 19.69 -31.56
CA GLU B 342 25.43 19.49 -32.67
C GLU B 342 26.85 19.31 -32.15
N GLU B 343 27.22 20.08 -31.14
CA GLU B 343 28.55 19.96 -30.54
C GLU B 343 28.63 18.69 -29.69
N GLY B 344 27.52 18.34 -29.04
CA GLY B 344 27.45 17.12 -28.26
C GLY B 344 27.63 15.89 -29.13
N LEU B 345 26.86 15.82 -30.22
CA LEU B 345 26.95 14.69 -31.14
C LEU B 345 28.34 14.63 -31.78
N ARG B 346 28.93 15.79 -32.01
N ARG B 346 28.92 15.79 -32.00
CA ARG B 346 30.24 15.88 -32.62
CA ARG B 346 30.25 15.90 -32.62
C ARG B 346 31.32 15.37 -31.67
C ARG B 346 31.32 15.39 -31.66
N ARG B 347 31.26 15.82 -30.42
CA ARG B 347 32.25 15.43 -29.41
C ARG B 347 32.10 13.97 -29.01
N ALA B 348 30.87 13.48 -29.00
CA ALA B 348 30.60 12.08 -28.66
C ALA B 348 31.17 11.16 -29.73
N SER B 349 30.88 11.49 -30.98
CA SER B 349 31.37 10.70 -32.12
C SER B 349 32.89 10.66 -32.14
N ALA B 350 33.50 11.81 -31.87
CA ALA B 350 34.95 11.92 -31.87
C ALA B 350 35.55 11.11 -30.73
N ALA B 351 34.96 11.20 -29.55
CA ALA B 351 35.44 10.48 -28.37
C ALA B 351 35.53 8.98 -28.66
N ILE B 352 34.59 8.48 -29.47
CA ILE B 352 34.59 7.07 -29.86
C ILE B 352 35.64 6.81 -30.94
N ASP B 353 35.52 7.53 -32.06
CA ASP B 353 36.30 7.23 -33.26
C ASP B 353 37.80 7.40 -33.05
N THR B 354 38.20 8.33 -32.18
CA THR B 354 39.61 8.53 -31.88
C THR B 354 40.15 7.38 -31.03
N GLY B 355 39.24 6.59 -30.47
CA GLY B 355 39.61 5.47 -29.60
C GLY B 355 39.75 5.88 -28.15
N ALA B 356 39.41 7.14 -27.86
CA ALA B 356 39.55 7.67 -26.50
C ALA B 356 38.63 6.95 -25.52
N ALA B 357 37.41 6.64 -25.95
CA ALA B 357 36.44 5.98 -25.09
C ALA B 357 36.87 4.55 -24.77
N GLU B 358 37.42 3.87 -25.77
CA GLU B 358 37.95 2.53 -25.59
C GLU B 358 39.15 2.56 -24.64
N GLN B 359 40.02 3.55 -24.82
CA GLN B 359 41.19 3.69 -23.98
C GLN B 359 40.80 4.05 -22.55
N LEU B 360 39.81 4.92 -22.39
CA LEU B 360 39.35 5.31 -21.07
C LEU B 360 38.88 4.10 -20.29
N LEU B 361 38.15 3.21 -20.97
CA LEU B 361 37.65 1.99 -20.33
C LEU B 361 38.82 1.11 -19.87
N ALA B 362 39.80 0.92 -20.74
CA ALA B 362 40.96 0.10 -20.41
C ALA B 362 41.73 0.70 -19.25
N ARG B 363 41.88 2.02 -19.25
CA ARG B 363 42.55 2.70 -18.15
C ARG B 363 41.73 2.59 -16.88
N TRP B 364 40.40 2.56 -17.03
CA TRP B 364 39.50 2.43 -15.89
C TRP B 364 39.71 1.08 -15.20
N VAL B 365 39.89 0.04 -16.01
CA VAL B 365 40.09 -1.30 -15.50
C VAL B 365 41.43 -1.43 -14.75
N ARG B 366 42.48 -0.83 -15.31
CA ARG B 366 43.79 -0.88 -14.68
C ARG B 366 43.79 -0.19 -13.32
N PHE B 367 43.04 0.90 -13.21
CA PHE B 367 42.94 1.64 -11.97
C PHE B 367 42.43 0.76 -10.83
N GLY B 368 41.40 -0.02 -11.12
CA GLY B 368 40.81 -0.90 -10.12
C GLY B 368 41.74 -2.03 -9.73
N ARG B 369 42.66 -2.39 -10.63
CA ARG B 369 43.59 -3.47 -10.39
C ARG B 369 44.88 -3.00 -9.73
N GLN B 370 44.94 -1.72 -9.39
CA GLN B 370 46.11 -1.13 -8.75
C GLN B 370 45.70 -0.20 -7.60
#